data_7U8L
#
_entry.id   7U8L
#
_cell.length_a   156.168
_cell.length_b   156.168
_cell.length_c   114.019
_cell.angle_alpha   90.000
_cell.angle_beta   90.000
_cell.angle_gamma   120.000
#
_symmetry.space_group_name_H-M   'P 3 2 1'
#
loop_
_entity.id
_entity.type
_entity.pdbx_description
1 polymer 'Hemagglutinin HA1 subunit'
2 polymer 'Hemagglutinin HA2 subunit'
3 polymer 'Antibody Fab light chain'
4 polymer 'antibody Fab heavy chain'
#
loop_
_entity_poly.entity_id
_entity_poly.type
_entity_poly.pdbx_seq_one_letter_code
_entity_poly.pdbx_strand_id
1 'polypeptide(L)'
;DPGATLCLGHHAVPNGTIVKTITNDRIEVTNATELVQNSSIGEICTKGKKAVDLGSCGILGTIIGPPQCDLHLEFKADLI
IERRNSSDICYPGRFTNEEALRQIIRESGGIDKESMGFRYSGIRTDGATSACKRTVSSFYSEMKWLSSSMNNQVFPQLNQ
TYRNTRKEPALIVWGVHHSSSLDEQNKLYGTGNKLITVGSSKYQQSFSPSPGARPKVNGQAGRIDFHWMLLDPGDTVTFT
FNGAFIAPDRATFLRSNAPSGIEYNGKSLGIQSDAQIDESCKSECFTPNGSIPNDKPFQNVNRITYGACPRYVKHSTLKL
ATGMRNVPEKQTR
;
A
2 'polypeptide(L)'
;GIFGAIAGFIENGWEGMVDGWYGFRHQNSEGRGQAADLKSTQAAIDQINGKLNRLIGKTNEKFHQIEKEFSEVEGRIQDL
EKYVEDTKIDLWSYNAELLVALENQHTIDLTDSEMNKLFEKTKKQLRENAEDMGNGCFKIYHKCDNACIGSIRNGTYDHN
VYRDEALNNRFQIKGV
;
B
3 'polypeptide(L)'
;EIVMTQSPVTLSVSPGETATLSCRASQSVRSNLAWYQQKPGQAPRLLIYGASTRATDIPARFSGSGSGTEFTLSISSLQS
DDFAVYYCQQYNHWLRTFGQGTKLEIKRTVAAPSVFIFPPSDEQLKSGTASVVCLLNNFYPREAKVQWKVDNALQSGNSQ
ESVTEQDSKDSTYSLSSTLTLSKADYEKHKVYACEVTHQGLSSPVTKSFNRGEC
;
L
4 'polypeptide(L)'
;EVQLLESGGGLVQPGESLRVSCAASGFTFRDSALSWVRQAPGKGLEWVSAISGNGGATYYADTVKGRFTISRDNSQTTLY
LQMNSLRADDTATYYCAKDESPPIYNLMPGYYSTYYYMDVWGKGTTVTVSSASTKGPSVFPLAPSSKSTSGGTAALGCLV
KDYFPEPVTVSWNSGALTSGVHTFPAVLQSSGLYSLSSVVTVPSSSLGTQTYICNVNHKPSNTKVDKRVEPKSC
;
H
#
# COMPACT_ATOMS: atom_id res chain seq x y z
N ALA A 4 56.42 6.22 13.91
CA ALA A 4 55.05 6.14 14.39
C ALA A 4 54.57 4.71 14.28
N THR A 5 53.44 4.42 14.91
CA THR A 5 52.86 3.09 14.84
C THR A 5 51.41 3.19 14.39
N LEU A 6 51.01 2.34 13.44
CA LEU A 6 49.62 2.30 13.00
C LEU A 6 49.12 0.87 13.09
N CYS A 7 48.10 0.65 13.90
CA CYS A 7 47.58 -0.70 14.14
C CYS A 7 46.20 -0.86 13.50
N LEU A 8 46.00 -1.99 12.84
CA LEU A 8 44.71 -2.33 12.25
C LEU A 8 43.98 -3.26 13.22
N GLY A 9 42.66 -3.13 13.30
CA GLY A 9 41.93 -3.94 14.25
C GLY A 9 40.45 -4.06 13.95
N HIS A 10 39.75 -4.75 14.82
CA HIS A 10 38.32 -4.92 14.65
C HIS A 10 37.68 -4.82 16.02
N HIS A 11 36.36 -4.66 16.06
CA HIS A 11 35.67 -4.49 17.34
C HIS A 11 35.46 -5.82 18.05
N ALA A 12 35.04 -5.73 19.31
CA ALA A 12 34.63 -6.89 20.09
C ALA A 12 33.56 -6.42 21.07
N VAL A 13 32.81 -7.35 21.64
CA VAL A 13 31.79 -7.01 22.63
C VAL A 13 31.98 -7.87 23.87
N PRO A 14 31.49 -7.38 25.02
CA PRO A 14 31.52 -8.17 26.25
C PRO A 14 30.45 -9.27 26.26
N ASN A 15 29.32 -9.04 25.60
CA ASN A 15 28.25 -10.03 25.59
C ASN A 15 28.11 -10.78 24.25
N GLY A 16 29.01 -11.72 24.00
CA GLY A 16 28.99 -12.49 22.76
C GLY A 16 27.93 -13.57 22.73
N THR A 17 27.68 -14.14 21.55
CA THR A 17 26.68 -15.19 21.38
C THR A 17 27.31 -16.40 20.72
N ILE A 18 26.97 -17.60 21.19
CA ILE A 18 27.52 -18.85 20.68
C ILE A 18 26.73 -19.30 19.46
N VAL A 19 27.42 -19.60 18.36
CA VAL A 19 26.74 -20.17 17.19
C VAL A 19 27.45 -21.45 16.71
N LYS A 20 26.77 -22.20 15.85
CA LYS A 20 27.34 -23.41 15.26
C LYS A 20 27.86 -23.11 13.85
N THR A 21 28.97 -23.74 13.48
CA THR A 21 29.49 -23.64 12.12
C THR A 21 29.76 -25.05 11.57
N ILE A 22 30.27 -25.11 10.36
CA ILE A 22 30.63 -26.38 9.73
C ILE A 22 31.73 -27.13 10.50
N THR A 23 32.68 -26.38 11.04
CA THR A 23 33.85 -26.99 11.66
C THR A 23 33.85 -26.91 13.18
N ASN A 24 32.86 -26.23 13.75
CA ASN A 24 32.87 -26.00 15.19
C ASN A 24 31.48 -25.89 15.80
N ASP A 25 31.24 -26.69 16.82
CA ASP A 25 29.93 -26.77 17.48
C ASP A 25 29.61 -25.50 18.24
N ARG A 26 30.66 -24.84 18.74
CA ARG A 26 30.50 -23.71 19.64
C ARG A 26 31.52 -22.63 19.36
N ILE A 27 31.10 -21.59 18.64
CA ILE A 27 32.00 -20.47 18.38
C ILE A 27 31.28 -19.15 18.68
N GLU A 28 31.97 -18.23 19.36
CA GLU A 28 31.36 -16.98 19.80
C GLU A 28 31.45 -15.88 18.73
N VAL A 29 30.32 -15.28 18.39
CA VAL A 29 30.32 -14.15 17.46
C VAL A 29 29.80 -12.91 18.19
N THR A 30 29.98 -11.73 17.60
CA THR A 30 29.57 -10.49 18.26
C THR A 30 28.06 -10.33 18.37
N ASN A 31 27.33 -10.98 17.47
CA ASN A 31 25.88 -10.80 17.40
C ASN A 31 25.29 -11.94 16.57
N ALA A 32 24.07 -12.33 16.90
CA ALA A 32 23.36 -13.36 16.14
C ALA A 32 21.87 -13.09 16.20
N THR A 33 21.11 -13.71 15.29
CA THR A 33 19.66 -13.64 15.36
C THR A 33 19.03 -15.03 15.32
N GLU A 34 17.89 -15.16 15.99
CA GLU A 34 17.20 -16.44 16.09
C GLU A 34 16.38 -16.73 14.83
N LEU A 35 16.50 -17.95 14.30
CA LEU A 35 15.77 -18.29 13.09
C LEU A 35 14.54 -19.16 13.34
N VAL A 36 14.38 -19.65 14.57
CA VAL A 36 13.22 -20.48 14.89
C VAL A 36 12.23 -19.75 15.80
N GLN A 37 11.02 -19.53 15.30
CA GLN A 37 9.94 -18.97 16.11
C GLN A 37 9.44 -20.03 17.08
N ASN A 38 9.51 -19.76 18.39
CA ASN A 38 9.18 -20.78 19.36
C ASN A 38 7.95 -20.47 20.24
N SER A 39 7.34 -19.31 20.01
CA SER A 39 6.22 -18.89 20.86
C SER A 39 5.04 -18.34 20.07
N SER A 40 3.86 -18.47 20.67
CA SER A 40 2.64 -17.87 20.16
C SER A 40 2.06 -16.95 21.24
N ILE A 41 1.29 -15.95 20.85
CA ILE A 41 0.64 -15.07 21.83
C ILE A 41 -0.63 -15.71 22.39
N GLY A 42 -0.98 -16.89 21.90
CA GLY A 42 -2.04 -17.68 22.49
C GLY A 42 -3.42 -17.39 21.92
N GLU A 43 -3.51 -16.41 21.02
CA GLU A 43 -4.77 -16.06 20.38
C GLU A 43 -4.70 -16.29 18.88
N ILE A 44 -5.81 -16.72 18.30
CA ILE A 44 -5.96 -16.73 16.85
C ILE A 44 -6.49 -15.37 16.40
N CYS A 45 -5.66 -14.59 15.72
CA CYS A 45 -6.07 -13.27 15.25
C CYS A 45 -7.17 -13.39 14.20
N LYS A 47 -4.60 -8.28 14.40
CA LYS A 47 -4.22 -6.91 14.09
C LYS A 47 -4.21 -6.72 12.59
N GLY A 48 -4.78 -5.63 12.11
CA GLY A 48 -4.79 -5.32 10.71
C GLY A 48 -5.65 -6.21 9.85
N LYS A 49 -6.44 -7.01 10.53
CA LYS A 49 -7.33 -7.94 9.87
C LYS A 49 -8.69 -7.63 10.41
N LYS A 50 -9.72 -7.94 9.64
CA LYS A 50 -11.11 -7.76 10.06
C LYS A 50 -11.69 -9.04 10.56
N ALA A 51 -11.88 -9.15 11.86
CA ALA A 51 -12.23 -10.45 12.44
C ALA A 51 -13.59 -10.46 13.17
N VAL A 52 -14.31 -11.57 13.09
CA VAL A 52 -15.55 -11.74 13.85
C VAL A 52 -15.56 -13.01 14.71
N ASP A 53 -15.91 -12.84 15.97
CA ASP A 53 -16.01 -13.95 16.90
C ASP A 53 -17.49 -14.28 17.02
N LEU A 54 -17.89 -15.39 16.45
CA LEU A 54 -19.27 -15.83 16.48
C LEU A 54 -19.67 -16.15 17.92
N GLY A 55 -18.75 -16.69 18.69
CA GLY A 55 -19.04 -17.02 20.07
C GLY A 55 -20.08 -18.08 20.13
N SER A 56 -21.18 -17.79 20.84
CA SER A 56 -22.29 -18.73 21.04
C SER A 56 -22.91 -19.14 19.74
N CYS A 57 -22.82 -18.26 18.75
CA CYS A 57 -23.30 -18.53 17.42
C CYS A 57 -22.63 -19.72 16.77
N GLY A 58 -23.42 -20.66 16.29
CA GLY A 58 -22.89 -21.69 15.42
C GLY A 58 -22.69 -20.98 14.10
N ILE A 59 -21.81 -21.48 13.23
CA ILE A 59 -21.59 -20.77 11.98
C ILE A 59 -22.75 -20.84 10.97
N LEU A 60 -23.35 -22.02 10.81
CA LEU A 60 -24.43 -22.26 9.85
C LEU A 60 -25.66 -21.45 10.21
N GLY A 61 -25.75 -21.16 11.50
CA GLY A 61 -26.80 -20.34 12.07
C GLY A 61 -26.80 -18.92 11.51
N THR A 62 -25.65 -18.46 11.03
CA THR A 62 -25.61 -17.14 10.42
C THR A 62 -26.54 -17.05 9.23
N ILE A 63 -26.69 -18.18 8.52
CA ILE A 63 -27.55 -18.21 7.34
C ILE A 63 -29.03 -18.05 7.67
N ILE A 64 -29.52 -18.76 8.69
CA ILE A 64 -30.95 -18.81 8.99
C ILE A 64 -31.41 -18.12 10.28
N GLY A 65 -30.52 -17.50 11.03
CA GLY A 65 -30.96 -16.66 12.14
C GLY A 65 -31.64 -17.04 13.45
N PRO A 66 -31.07 -17.98 14.21
CA PRO A 66 -31.54 -18.25 15.57
C PRO A 66 -31.38 -16.98 16.40
N PRO A 67 -31.89 -16.93 17.65
CA PRO A 67 -31.67 -15.68 18.38
C PRO A 67 -30.16 -15.39 18.61
N GLN A 68 -29.38 -16.44 18.82
CA GLN A 68 -27.92 -16.40 19.00
C GLN A 68 -27.13 -15.60 17.98
N CYS A 69 -27.49 -15.86 16.74
CA CYS A 69 -26.84 -15.34 15.58
C CYS A 69 -27.44 -14.02 15.18
N ASP A 70 -28.08 -13.33 16.12
CA ASP A 70 -28.77 -12.11 15.72
C ASP A 70 -27.79 -11.04 15.28
N LEU A 71 -26.65 -10.95 15.96
CA LEU A 71 -25.68 -9.92 15.59
C LEU A 71 -25.10 -10.15 14.21
N HIS A 72 -24.84 -11.43 13.89
CA HIS A 72 -24.02 -11.82 12.75
C HIS A 72 -24.80 -12.20 11.49
N LEU A 73 -25.99 -11.67 11.28
CA LEU A 73 -26.73 -12.05 10.06
C LEU A 73 -26.09 -11.57 8.77
N GLU A 74 -25.50 -10.38 8.78
CA GLU A 74 -24.94 -9.81 7.57
C GLU A 74 -23.44 -9.45 7.75
N PHE A 75 -22.74 -10.26 8.54
CA PHE A 75 -21.36 -9.97 8.93
C PHE A 75 -20.35 -9.86 7.77
N LYS A 76 -19.40 -8.96 7.92
CA LYS A 76 -18.30 -8.85 6.97
C LYS A 76 -16.95 -9.18 7.62
N ALA A 77 -16.29 -10.25 7.19
CA ALA A 77 -15.08 -10.69 7.88
C ALA A 77 -13.96 -11.23 6.99
N ASP A 78 -12.72 -10.80 7.29
CA ASP A 78 -11.50 -11.44 6.78
C ASP A 78 -11.15 -12.73 7.51
N LEU A 79 -11.27 -12.71 8.84
CA LEU A 79 -11.06 -13.90 9.64
C LEU A 79 -12.30 -14.23 10.50
N ILE A 80 -12.77 -15.48 10.40
CA ILE A 80 -13.97 -15.93 11.10
C ILE A 80 -13.65 -17.00 12.14
N ILE A 81 -14.02 -16.76 13.38
CA ILE A 81 -13.71 -17.70 14.46
C ILE A 81 -14.93 -18.44 15.01
N GLU A 82 -14.98 -19.76 14.80
CA GLU A 82 -16.03 -20.58 15.37
C GLU A 82 -15.64 -20.85 16.80
N ARG A 83 -16.59 -21.26 17.62
CA ARG A 83 -16.35 -21.55 19.03
C ARG A 83 -16.98 -22.86 19.40
N ARG A 84 -16.55 -23.47 20.50
CA ARG A 84 -16.93 -24.85 20.79
C ARG A 84 -18.40 -25.16 21.20
N ASN A 85 -19.01 -24.39 22.10
CA ASN A 85 -20.34 -24.82 22.55
C ASN A 85 -21.43 -24.24 21.68
N SER A 86 -21.02 -23.58 20.59
CA SER A 86 -21.96 -22.90 19.69
C SER A 86 -22.99 -23.84 19.05
N SER A 87 -24.24 -23.37 18.97
CA SER A 87 -25.32 -24.17 18.41
C SER A 87 -25.85 -23.54 17.14
N ASP A 88 -25.81 -24.28 16.04
CA ASP A 88 -26.22 -23.74 14.76
C ASP A 88 -27.75 -23.47 14.75
N ILE A 89 -28.49 -24.23 15.57
CA ILE A 89 -29.97 -24.27 15.60
C ILE A 89 -30.65 -23.92 16.94
N CYS A 90 -31.78 -23.20 16.88
CA CYS A 90 -32.69 -23.05 18.05
C CYS A 90 -33.75 -24.15 18.19
N TYR A 91 -34.36 -24.57 17.07
CA TYR A 91 -35.33 -25.66 17.11
C TYR A 91 -34.65 -26.85 16.49
N PRO A 92 -34.64 -27.98 17.22
CA PRO A 92 -33.78 -29.13 16.89
C PRO A 92 -33.96 -29.61 15.46
N GLY A 93 -32.83 -29.69 14.78
CA GLY A 93 -32.76 -30.14 13.41
C GLY A 93 -31.31 -30.23 13.00
N ARG A 94 -31.04 -30.77 11.82
CA ARG A 94 -29.71 -30.66 11.26
C ARG A 94 -29.68 -30.41 9.74
N PHE A 95 -28.66 -29.66 9.32
CA PHE A 95 -28.40 -29.37 7.92
C PHE A 95 -27.96 -30.59 7.15
N THR A 96 -28.50 -30.75 5.94
CA THR A 96 -28.00 -31.77 5.05
C THR A 96 -26.68 -31.23 4.46
N ASN A 97 -25.68 -32.10 4.32
CA ASN A 97 -24.35 -31.67 3.86
C ASN A 97 -23.73 -30.58 4.77
N GLU A 98 -23.81 -30.79 6.09
CA GLU A 98 -23.52 -29.69 7.00
C GLU A 98 -22.07 -29.23 6.94
N GLU A 99 -21.12 -30.18 7.02
CA GLU A 99 -19.68 -29.86 7.04
C GLU A 99 -19.24 -29.18 5.77
N ALA A 100 -19.83 -29.61 4.65
CA ALA A 100 -19.62 -29.00 3.36
C ALA A 100 -20.17 -27.58 3.29
N LEU A 101 -21.29 -27.35 3.97
CA LEU A 101 -21.91 -26.02 3.93
C LEU A 101 -21.05 -24.97 4.65
N ARG A 102 -20.51 -25.34 5.81
CA ARG A 102 -19.72 -24.41 6.61
C ARG A 102 -18.47 -23.93 5.85
N GLN A 103 -17.78 -24.88 5.22
CA GLN A 103 -16.53 -24.61 4.52
C GLN A 103 -16.80 -23.54 3.47
N ILE A 104 -18.00 -23.53 2.93
CA ILE A 104 -18.38 -22.45 2.03
C ILE A 104 -18.36 -21.11 2.75
N ILE A 105 -18.97 -21.09 3.93
CA ILE A 105 -19.17 -19.86 4.70
C ILE A 105 -17.87 -19.32 5.27
N ARG A 106 -16.99 -20.22 5.69
CA ARG A 106 -15.76 -19.80 6.31
C ARG A 106 -14.98 -18.95 5.32
N GLU A 107 -14.95 -19.37 4.07
CA GLU A 107 -14.17 -18.67 3.06
C GLU A 107 -14.94 -17.61 2.32
N SER A 108 -16.17 -17.37 2.74
CA SER A 108 -17.07 -16.44 2.06
C SER A 108 -16.56 -15.00 2.01
N GLY A 109 -16.02 -14.54 3.12
CA GLY A 109 -15.73 -13.13 3.28
C GLY A 109 -16.77 -12.49 4.16
N GLY A 110 -17.79 -13.28 4.48
CA GLY A 110 -18.96 -12.74 5.15
C GLY A 110 -20.14 -12.94 4.22
N ILE A 111 -21.31 -12.44 4.61
CA ILE A 111 -22.49 -12.66 3.80
C ILE A 111 -23.41 -11.46 3.75
N ASP A 112 -23.99 -11.23 2.59
CA ASP A 112 -24.96 -10.17 2.43
C ASP A 112 -26.34 -10.79 2.26
N LYS A 113 -27.37 -10.19 2.85
CA LYS A 113 -28.71 -10.72 2.69
C LYS A 113 -29.65 -9.76 1.97
N GLU A 114 -30.52 -10.34 1.15
CA GLU A 114 -31.55 -9.63 0.44
C GLU A 114 -32.80 -10.49 0.45
N SER A 115 -33.97 -9.87 0.45
CA SER A 115 -35.22 -10.62 0.52
C SER A 115 -35.55 -11.34 -0.78
N MET A 116 -35.99 -12.59 -0.67
CA MET A 116 -36.44 -13.40 -1.83
C MET A 116 -37.81 -12.97 -2.40
N GLY A 117 -38.51 -12.11 -1.64
CA GLY A 117 -39.71 -11.46 -2.11
C GLY A 117 -41.00 -12.25 -1.99
N PHE A 118 -40.93 -13.39 -1.31
CA PHE A 118 -42.11 -14.26 -1.17
C PHE A 118 -43.21 -13.54 -0.39
N ARG A 119 -44.45 -13.80 -0.79
CA ARG A 119 -45.62 -13.32 -0.09
C ARG A 119 -46.62 -14.45 -0.02
N TYR A 120 -47.49 -14.40 0.99
CA TYR A 120 -48.45 -15.46 1.28
C TYR A 120 -49.89 -14.95 1.39
N SER A 121 -50.87 -15.80 1.01
CA SER A 121 -52.30 -15.44 1.03
C SER A 121 -53.20 -15.86 2.24
N GLY A 122 -53.27 -17.17 2.51
CA GLY A 122 -54.23 -17.70 3.48
C GLY A 122 -53.69 -18.48 4.68
N ILE A 123 -52.40 -18.31 4.95
CA ILE A 123 -51.68 -19.17 5.87
C ILE A 123 -51.18 -18.40 7.10
N ARG A 124 -50.99 -19.09 8.23
CA ARG A 124 -50.18 -18.54 9.33
C ARG A 124 -48.69 -18.55 8.89
N THR A 125 -47.99 -17.43 8.93
CA THR A 125 -46.59 -17.44 8.55
C THR A 125 -45.71 -17.09 9.73
N ASP A 126 -46.37 -16.83 10.84
CA ASP A 126 -45.78 -16.23 12.02
C ASP A 126 -45.45 -17.27 13.08
N GLY A 127 -45.25 -18.49 12.63
CA GLY A 127 -45.06 -19.61 13.53
C GLY A 127 -43.94 -19.36 14.51
N ALA A 128 -44.20 -19.66 15.78
CA ALA A 128 -43.32 -19.30 16.86
C ALA A 128 -43.12 -20.54 17.69
N THR A 129 -42.05 -20.57 18.44
CA THR A 129 -41.75 -21.74 19.25
C THR A 129 -41.12 -21.36 20.57
N SER A 130 -41.27 -22.24 21.56
CA SER A 130 -40.63 -22.07 22.85
C SER A 130 -39.09 -22.07 22.66
N ALA A 131 -38.65 -22.83 21.66
CA ALA A 131 -37.25 -23.02 21.33
C ALA A 131 -36.50 -21.75 20.91
N CYS A 132 -37.12 -20.92 20.08
CA CYS A 132 -36.52 -19.63 19.72
C CYS A 132 -36.99 -18.45 20.57
N LYS A 133 -36.77 -18.46 21.89
CA LYS A 133 -37.26 -17.35 22.69
C LYS A 133 -36.39 -16.13 22.36
N ARG A 134 -36.92 -14.94 22.57
CA ARG A 134 -36.36 -13.73 22.01
C ARG A 134 -37.26 -12.60 22.43
N THR A 135 -37.28 -12.30 23.73
CA THR A 135 -38.29 -11.45 24.41
C THR A 135 -39.55 -12.33 24.60
N VAL A 136 -40.18 -12.75 23.49
CA VAL A 136 -41.32 -13.70 23.46
C VAL A 136 -41.03 -14.80 22.45
N SER A 137 -41.67 -15.95 22.56
CA SER A 137 -41.41 -17.05 21.63
C SER A 137 -41.41 -16.58 20.18
N SER A 138 -40.51 -17.17 19.39
CA SER A 138 -40.11 -16.68 18.08
C SER A 138 -39.62 -17.82 17.20
N PHE A 139 -39.12 -17.45 16.04
CA PHE A 139 -38.59 -18.41 15.10
C PHE A 139 -37.26 -17.90 14.52
N TYR A 140 -36.60 -18.73 13.71
CA TYR A 140 -35.54 -18.29 12.81
C TYR A 140 -35.82 -16.93 12.13
N SER A 141 -34.85 -16.06 12.24
CA SER A 141 -34.95 -14.68 11.81
C SER A 141 -35.18 -14.61 10.30
N GLU A 142 -34.53 -15.50 9.58
CA GLU A 142 -34.51 -15.50 8.11
C GLU A 142 -35.51 -16.39 7.39
N MET A 143 -36.40 -17.02 8.15
CA MET A 143 -37.39 -17.94 7.58
C MET A 143 -38.80 -17.65 8.11
N LYS A 144 -39.80 -18.21 7.44
CA LYS A 144 -41.18 -18.12 7.90
C LYS A 144 -41.69 -19.53 8.20
N TRP A 145 -42.41 -19.72 9.31
CA TRP A 145 -43.02 -21.03 9.59
C TRP A 145 -44.47 -21.02 9.14
N LEU A 146 -44.83 -21.92 8.24
CA LEU A 146 -46.16 -21.86 7.59
C LEU A 146 -47.14 -22.90 8.16
N SER A 147 -48.30 -22.40 8.59
CA SER A 147 -49.31 -23.18 9.31
C SER A 147 -50.71 -22.97 8.70
N SER A 148 -51.63 -23.87 9.00
CA SER A 148 -52.92 -23.86 8.32
C SER A 148 -53.86 -22.66 8.51
N SER A 149 -53.61 -21.81 9.50
CA SER A 149 -54.47 -20.63 9.90
C SER A 149 -55.77 -21.00 10.61
N MET A 150 -56.01 -22.29 10.74
CA MET A 150 -57.10 -22.80 11.55
C MET A 150 -56.70 -24.23 11.85
N ASN A 151 -56.65 -24.60 13.11
CA ASN A 151 -56.20 -25.94 13.46
C ASN A 151 -56.97 -27.09 12.80
N ASN A 152 -56.18 -28.02 12.28
CA ASN A 152 -56.61 -29.22 11.57
C ASN A 152 -57.19 -28.98 10.20
N GLN A 153 -56.94 -27.80 9.67
CA GLN A 153 -57.40 -27.43 8.33
C GLN A 153 -56.40 -27.84 7.26
N VAL A 154 -56.85 -28.61 6.26
CA VAL A 154 -55.93 -29.18 5.28
C VAL A 154 -55.24 -28.04 4.52
N PHE A 155 -53.91 -28.14 4.45
CA PHE A 155 -53.04 -27.11 3.89
C PHE A 155 -53.02 -27.12 2.36
N PRO A 156 -53.04 -25.92 1.74
CA PRO A 156 -53.02 -25.58 0.32
C PRO A 156 -51.83 -26.06 -0.49
N GLN A 157 -52.09 -26.61 -1.67
CA GLN A 157 -51.02 -26.90 -2.63
C GLN A 157 -50.53 -25.58 -3.20
N LEU A 158 -49.30 -25.20 -2.83
CA LEU A 158 -48.75 -23.93 -3.27
C LEU A 158 -47.45 -24.06 -4.03
N ASN A 159 -47.18 -23.05 -4.85
CA ASN A 159 -45.97 -23.00 -5.65
C ASN A 159 -45.28 -21.64 -5.54
N GLN A 160 -43.95 -21.66 -5.43
CA GLN A 160 -43.15 -20.45 -5.44
C GLN A 160 -41.99 -20.61 -6.38
N THR A 161 -41.73 -19.55 -7.13
CA THR A 161 -40.52 -19.47 -7.94
C THR A 161 -39.77 -18.22 -7.54
N TYR A 162 -38.48 -18.39 -7.28
CA TYR A 162 -37.57 -17.28 -7.07
C TYR A 162 -36.42 -17.45 -8.02
N ARG A 163 -36.02 -16.34 -8.65
CA ARG A 163 -34.97 -16.39 -9.65
C ARG A 163 -33.77 -15.51 -9.28
N ASN A 164 -32.57 -16.06 -9.48
CA ASN A 164 -31.32 -15.42 -9.02
C ASN A 164 -30.91 -14.29 -9.96
N THR A 165 -31.39 -13.10 -9.65
CA THR A 165 -31.10 -11.88 -10.39
C THR A 165 -29.61 -11.51 -10.38
N ARG A 166 -29.00 -11.55 -9.21
CA ARG A 166 -27.59 -11.17 -9.02
C ARG A 166 -26.54 -12.06 -9.71
N LYS A 167 -25.39 -11.45 -10.03
CA LYS A 167 -24.25 -12.13 -10.67
C LYS A 167 -23.62 -13.24 -9.80
N GLU A 168 -23.54 -13.00 -8.50
CA GLU A 168 -23.04 -14.01 -7.59
C GLU A 168 -24.07 -15.11 -7.42
N PRO A 169 -23.61 -16.37 -7.36
CA PRO A 169 -24.58 -17.43 -7.08
C PRO A 169 -25.19 -17.26 -5.68
N ALA A 170 -26.51 -17.28 -5.58
CA ALA A 170 -27.21 -17.16 -4.30
C ALA A 170 -27.15 -18.42 -3.44
N LEU A 171 -27.27 -18.23 -2.13
CA LEU A 171 -27.40 -19.37 -1.24
C LEU A 171 -28.84 -19.37 -0.73
N ILE A 172 -29.49 -20.51 -0.92
CA ILE A 172 -30.91 -20.70 -0.60
C ILE A 172 -31.09 -21.81 0.43
N VAL A 173 -31.77 -21.53 1.54
CA VAL A 173 -32.02 -22.61 2.51
C VAL A 173 -33.51 -22.79 2.83
N TRP A 174 -33.94 -24.04 2.94
CA TRP A 174 -35.34 -24.34 3.20
C TRP A 174 -35.49 -25.45 4.22
N GLY A 175 -36.69 -25.56 4.77
CA GLY A 175 -36.91 -26.52 5.82
C GLY A 175 -38.02 -27.51 5.58
N VAL A 176 -37.82 -28.69 6.15
CA VAL A 176 -38.84 -29.73 6.22
C VAL A 176 -39.14 -29.97 7.68
N HIS A 177 -40.41 -29.93 8.08
CA HIS A 177 -40.72 -30.08 9.48
C HIS A 177 -41.28 -31.48 9.79
N HIS A 178 -40.64 -32.18 10.71
CA HIS A 178 -41.11 -33.47 11.16
C HIS A 178 -41.77 -33.23 12.50
N SER A 179 -43.11 -33.36 12.53
CA SER A 179 -43.90 -32.98 13.69
C SER A 179 -43.77 -33.95 14.81
N SER A 180 -43.99 -33.44 16.02
CA SER A 180 -43.75 -34.19 17.25
C SER A 180 -44.49 -35.50 17.29
N SER A 181 -45.74 -35.45 16.82
CA SER A 181 -46.68 -36.57 16.81
C SER A 181 -47.35 -36.64 15.44
N LEU A 182 -47.99 -37.77 15.17
CA LEU A 182 -48.81 -37.85 13.96
C LEU A 182 -49.97 -36.85 14.09
N ASP A 183 -50.48 -36.68 15.32
CA ASP A 183 -51.44 -35.62 15.62
C ASP A 183 -50.98 -34.22 15.27
N GLU A 184 -49.80 -33.84 15.76
CA GLU A 184 -49.32 -32.47 15.58
C GLU A 184 -49.18 -32.10 14.12
N GLN A 185 -48.85 -33.07 13.28
CA GLN A 185 -48.75 -32.78 11.87
C GLN A 185 -50.14 -32.38 11.41
N ASN A 186 -51.13 -33.14 11.87
CA ASN A 186 -52.53 -32.93 11.50
C ASN A 186 -53.05 -31.59 11.95
N LYS A 187 -52.75 -31.26 13.19
CA LYS A 187 -53.17 -30.00 13.78
C LYS A 187 -52.57 -28.83 13.02
N LEU A 188 -51.28 -28.94 12.73
CA LEU A 188 -50.54 -27.94 11.97
C LEU A 188 -50.86 -27.88 10.48
N TYR A 189 -50.76 -29.01 9.78
CA TYR A 189 -50.82 -28.95 8.34
C TYR A 189 -52.05 -29.63 7.72
N GLY A 190 -53.01 -30.01 8.56
CA GLY A 190 -54.14 -30.74 8.07
C GLY A 190 -53.77 -32.20 7.90
N THR A 191 -54.54 -32.92 7.09
CA THR A 191 -54.44 -34.38 7.08
C THR A 191 -54.25 -34.91 5.67
N GLY A 192 -53.77 -36.16 5.54
CA GLY A 192 -53.49 -36.71 4.22
C GLY A 192 -52.04 -36.62 3.82
N ASN A 193 -51.76 -36.97 2.56
CA ASN A 193 -50.39 -37.02 2.08
C ASN A 193 -49.71 -35.67 2.06
N LYS A 194 -48.47 -35.64 2.55
CA LYS A 194 -47.65 -34.42 2.53
C LYS A 194 -46.38 -34.59 1.66
N LEU A 195 -46.27 -33.75 0.63
CA LEU A 195 -45.13 -33.77 -0.30
C LEU A 195 -44.49 -32.37 -0.50
N ILE A 196 -43.16 -32.31 -0.41
CA ILE A 196 -42.45 -31.08 -0.77
C ILE A 196 -41.43 -31.34 -1.87
N THR A 197 -41.49 -30.54 -2.94
CA THR A 197 -40.52 -30.66 -4.02
C THR A 197 -39.79 -29.35 -4.31
N VAL A 198 -38.46 -29.45 -4.41
CA VAL A 198 -37.61 -28.30 -4.72
C VAL A 198 -36.92 -28.47 -6.07
N GLY A 199 -37.13 -27.48 -6.95
CA GLY A 199 -36.64 -27.52 -8.30
C GLY A 199 -35.78 -26.35 -8.74
N SER A 200 -34.61 -26.69 -9.25
CA SER A 200 -33.66 -25.73 -9.80
C SER A 200 -33.18 -26.36 -11.08
N SER A 201 -32.54 -25.56 -11.93
CA SER A 201 -32.02 -26.05 -13.20
C SER A 201 -30.96 -27.16 -13.06
N LYS A 202 -30.20 -27.11 -11.97
CA LYS A 202 -29.29 -28.22 -11.64
C LYS A 202 -29.85 -29.10 -10.50
N TYR A 203 -30.87 -28.64 -9.80
CA TYR A 203 -31.33 -29.30 -8.57
C TYR A 203 -32.81 -29.68 -8.64
N GLN A 204 -33.13 -30.92 -8.30
CA GLN A 204 -34.51 -31.27 -7.94
C GLN A 204 -34.57 -32.42 -6.94
N GLN A 205 -35.42 -32.26 -5.93
CA GLN A 205 -35.65 -33.33 -4.97
C GLN A 205 -37.00 -33.15 -4.28
N SER A 206 -37.52 -34.25 -3.75
CA SER A 206 -38.82 -34.27 -3.09
C SER A 206 -38.69 -34.76 -1.64
N PHE A 207 -39.33 -34.04 -0.73
CA PHE A 207 -39.23 -34.35 0.68
C PHE A 207 -40.60 -34.59 1.29
N SER A 208 -40.67 -35.56 2.20
CA SER A 208 -41.90 -35.78 2.93
C SER A 208 -41.63 -35.91 4.43
N PRO A 209 -42.54 -35.36 5.24
CA PRO A 209 -42.29 -35.48 6.67
C PRO A 209 -42.40 -36.92 7.06
N SER A 210 -41.57 -37.35 8.00
CA SER A 210 -41.77 -38.65 8.63
C SER A 210 -42.00 -38.42 10.13
N PRO A 211 -43.24 -38.04 10.50
CA PRO A 211 -43.61 -37.53 11.83
C PRO A 211 -43.49 -38.59 12.89
N GLY A 212 -42.88 -38.26 14.02
CA GLY A 212 -42.79 -39.16 15.14
C GLY A 212 -42.19 -38.45 16.32
N ALA A 213 -42.25 -39.02 17.52
CA ALA A 213 -41.46 -38.53 18.64
C ALA A 213 -39.95 -38.82 18.47
N ARG A 214 -39.12 -37.89 18.94
CA ARG A 214 -37.66 -38.08 18.93
C ARG A 214 -37.22 -37.50 20.27
N PRO A 215 -36.02 -37.85 20.75
CA PRO A 215 -35.62 -37.43 22.11
C PRO A 215 -35.71 -35.93 22.31
N LYS A 216 -36.12 -35.51 23.51
CA LYS A 216 -36.53 -34.14 23.66
C LYS A 216 -35.30 -33.22 23.84
N VAL A 217 -35.04 -32.41 22.81
CA VAL A 217 -33.97 -31.43 22.84
C VAL A 217 -34.52 -30.03 22.66
N ASN A 218 -34.18 -29.16 23.61
CA ASN A 218 -34.63 -27.78 23.60
C ASN A 218 -36.13 -27.79 23.94
N GLY A 219 -36.59 -28.93 24.47
CA GLY A 219 -37.99 -29.09 24.81
C GLY A 219 -38.87 -29.54 23.65
N GLN A 220 -38.25 -29.85 22.51
CA GLN A 220 -39.00 -30.29 21.34
C GLN A 220 -38.68 -31.69 20.85
N ALA A 221 -39.70 -32.54 20.79
CA ALA A 221 -39.64 -33.85 20.14
C ALA A 221 -39.57 -33.73 18.61
N GLY A 222 -40.18 -32.67 18.06
CA GLY A 222 -40.18 -32.40 16.63
C GLY A 222 -38.83 -31.93 16.10
N ARG A 223 -38.60 -32.10 14.80
CA ARG A 223 -37.34 -31.68 14.17
C ARG A 223 -37.58 -30.86 12.90
N ILE A 224 -36.68 -29.92 12.60
CA ILE A 224 -36.68 -29.24 11.30
C ILE A 224 -35.36 -29.48 10.59
N ASP A 225 -35.41 -29.93 9.34
CA ASP A 225 -34.20 -30.24 8.62
C ASP A 225 -34.01 -29.24 7.49
N PHE A 226 -32.78 -28.75 7.37
CA PHE A 226 -32.49 -27.70 6.42
C PHE A 226 -31.70 -28.26 5.27
N HIS A 227 -32.14 -27.89 4.09
CA HIS A 227 -31.48 -28.29 2.88
C HIS A 227 -31.16 -27.02 2.12
N TRP A 228 -30.01 -27.00 1.50
CA TRP A 228 -29.55 -25.78 0.88
C TRP A 228 -29.10 -26.04 -0.53
N MET A 229 -29.06 -24.99 -1.32
CA MET A 229 -28.56 -25.11 -2.66
C MET A 229 -27.80 -23.85 -3.06
N LEU A 230 -26.94 -23.99 -4.08
CA LEU A 230 -26.36 -22.82 -4.73
C LEU A 230 -27.06 -22.55 -6.05
N LEU A 231 -27.51 -21.32 -6.24
CA LEU A 231 -28.28 -20.98 -7.42
C LEU A 231 -27.47 -20.10 -8.36
N ASP A 232 -27.23 -20.57 -9.59
CA ASP A 232 -26.49 -19.78 -10.57
C ASP A 232 -27.30 -18.54 -10.90
N PRO A 233 -26.64 -17.50 -11.44
CA PRO A 233 -27.41 -16.31 -11.82
C PRO A 233 -28.45 -16.69 -12.86
N GLY A 234 -29.60 -16.01 -12.87
CA GLY A 234 -30.61 -16.23 -13.91
C GLY A 234 -31.34 -17.55 -13.82
N ASP A 235 -31.20 -18.23 -12.68
CA ASP A 235 -31.81 -19.55 -12.43
C ASP A 235 -33.00 -19.49 -11.45
N THR A 236 -34.05 -20.26 -11.72
CA THR A 236 -35.19 -20.25 -10.83
C THR A 236 -35.16 -21.48 -9.94
N VAL A 237 -35.39 -21.23 -8.66
CA VAL A 237 -35.66 -22.31 -7.74
C VAL A 237 -37.18 -22.28 -7.61
N THR A 238 -37.81 -23.44 -7.81
CA THR A 238 -39.27 -23.50 -7.66
C THR A 238 -39.65 -24.30 -6.42
N PHE A 239 -40.46 -23.67 -5.57
CA PHE A 239 -40.85 -24.31 -4.33
C PHE A 239 -42.29 -24.75 -4.48
N THR A 240 -42.55 -26.03 -4.29
CA THR A 240 -43.90 -26.57 -4.35
C THR A 240 -44.13 -27.49 -3.16
N PHE A 241 -45.21 -27.23 -2.43
CA PHE A 241 -45.47 -27.91 -1.17
C PHE A 241 -46.96 -27.86 -0.73
N ASN A 242 -47.46 -28.97 -0.18
CA ASN A 242 -48.78 -28.98 0.47
C ASN A 242 -48.67 -28.79 1.99
N GLY A 243 -47.44 -28.65 2.51
CA GLY A 243 -47.23 -28.34 3.92
C GLY A 243 -45.96 -28.93 4.53
N ALA A 244 -45.74 -28.67 5.81
CA ALA A 244 -44.57 -29.13 6.57
C ALA A 244 -43.31 -28.40 6.15
N PHE A 245 -43.51 -27.27 5.49
CA PHE A 245 -42.46 -26.58 4.78
C PHE A 245 -42.06 -25.30 5.48
N ILE A 246 -40.75 -25.15 5.74
CA ILE A 246 -40.17 -23.93 6.29
C ILE A 246 -39.49 -23.11 5.21
N ALA A 247 -39.94 -21.88 5.03
CA ALA A 247 -39.67 -21.14 3.79
C ALA A 247 -38.60 -20.08 3.94
N PRO A 248 -37.67 -20.01 2.97
CA PRO A 248 -36.70 -18.93 3.04
C PRO A 248 -37.34 -17.56 2.81
N ASP A 249 -37.00 -16.59 3.66
CA ASP A 249 -37.41 -15.22 3.45
C ASP A 249 -36.31 -14.42 2.77
N ARG A 250 -35.06 -14.83 2.98
CA ARG A 250 -33.93 -14.06 2.47
C ARG A 250 -32.89 -14.97 1.84
N ALA A 251 -32.27 -14.46 0.78
CA ALA A 251 -31.20 -15.18 0.10
C ALA A 251 -29.85 -14.74 0.63
N THR A 252 -28.93 -15.69 0.70
CA THR A 252 -27.61 -15.37 1.21
C THR A 252 -26.60 -15.29 0.09
N PHE A 253 -25.91 -14.15 0.04
CA PHE A 253 -24.92 -13.87 -0.99
C PHE A 253 -23.54 -13.73 -0.36
N LEU A 254 -22.55 -14.43 -0.94
CA LEU A 254 -21.19 -14.32 -0.44
C LEU A 254 -20.63 -12.96 -0.84
N ARG A 255 -19.69 -12.48 -0.04
CA ARG A 255 -19.12 -11.16 -0.20
C ARG A 255 -17.93 -11.20 -1.15
N SER A 256 -17.34 -12.38 -1.28
CA SER A 256 -16.21 -12.58 -2.19
C SER A 256 -16.65 -12.95 -3.60
N ASN A 257 -17.92 -12.70 -3.90
CA ASN A 257 -18.46 -12.88 -5.23
C ASN A 257 -19.06 -11.54 -5.67
N ALA A 258 -18.91 -10.55 -4.80
CA ALA A 258 -19.37 -9.21 -5.06
C ALA A 258 -18.50 -8.58 -6.15
N PRO A 259 -19.03 -7.55 -6.79
CA PRO A 259 -18.35 -6.88 -7.89
C PRO A 259 -17.50 -5.70 -7.46
N SER A 260 -17.02 -5.68 -6.22
CA SER A 260 -16.25 -4.54 -5.76
C SER A 260 -17.15 -3.31 -5.70
N GLY A 261 -18.40 -3.55 -5.32
CA GLY A 261 -19.43 -2.52 -5.19
C GLY A 261 -19.61 -2.08 -3.75
N GLU A 263 -19.52 -3.97 -0.95
CA GLU A 263 -20.12 -4.89 -0.01
C GLU A 263 -18.89 -5.79 0.13
N TYR A 264 -18.36 -5.98 -1.07
CA TYR A 264 -17.24 -6.82 -1.37
C TYR A 264 -16.26 -6.72 -0.29
N ASN A 265 -16.05 -7.84 0.35
CA ASN A 265 -14.91 -7.89 1.30
C ASN A 265 -14.28 -9.26 1.02
N GLY A 266 -13.33 -9.38 0.12
CA GLY A 266 -12.83 -10.72 -0.20
C GLY A 266 -12.01 -11.73 0.61
N LYS A 267 -12.27 -13.00 0.32
CA LYS A 267 -11.52 -14.18 0.82
C LYS A 267 -11.13 -14.55 2.26
N SER A 268 -12.08 -14.78 3.15
CA SER A 268 -11.77 -15.16 4.54
C SER A 268 -11.26 -16.60 4.84
N LEU A 269 -10.58 -16.73 5.97
CA LEU A 269 -10.08 -17.95 6.56
C LEU A 269 -10.90 -18.17 7.80
N GLY A 270 -11.57 -19.29 7.86
CA GLY A 270 -12.34 -19.61 9.04
C GLY A 270 -11.59 -20.57 9.94
N ILE A 271 -11.36 -20.20 11.18
CA ILE A 271 -10.60 -21.05 12.10
C ILE A 271 -11.50 -21.56 13.23
N GLN A 272 -11.03 -22.55 13.97
CA GLN A 272 -11.70 -22.98 15.20
C GLN A 272 -10.79 -22.75 16.38
N SER A 273 -11.17 -21.87 17.31
CA SER A 273 -10.23 -21.49 18.37
C SER A 273 -10.81 -21.39 19.76
N ASP A 274 -10.03 -21.77 20.76
CA ASP A 274 -10.46 -21.62 22.15
C ASP A 274 -9.89 -20.38 22.81
N ALA A 275 -9.23 -19.53 22.03
CA ALA A 275 -8.42 -18.47 22.61
C ALA A 275 -9.11 -17.15 22.49
N GLN A 276 -8.65 -16.16 23.23
CA GLN A 276 -9.35 -14.88 23.23
C GLN A 276 -8.95 -14.17 21.97
N ILE A 277 -9.26 -12.88 21.83
CA ILE A 277 -8.87 -12.16 20.64
C ILE A 277 -7.91 -11.06 21.10
N ASP A 278 -7.12 -10.54 20.17
CA ASP A 278 -6.08 -9.61 20.51
C ASP A 278 -5.80 -8.89 19.22
N GLU A 279 -6.16 -7.60 19.17
CA GLU A 279 -5.95 -6.77 17.99
C GLU A 279 -4.63 -6.05 18.06
N SER A 280 -3.89 -6.28 19.14
CA SER A 280 -2.56 -5.70 19.24
C SER A 280 -1.50 -6.59 18.53
N GLU A 284 -0.72 -13.18 9.94
CA GLU A 284 -0.87 -13.98 8.71
C GLU A 284 -0.79 -15.48 8.96
N CYS A 285 -0.04 -15.88 9.98
CA CYS A 285 0.18 -17.30 10.25
C CYS A 285 -0.61 -17.76 11.47
N PHE A 286 -1.42 -18.81 11.29
CA PHE A 286 -2.23 -19.37 12.36
C PHE A 286 -1.77 -20.78 12.69
N THR A 287 -1.63 -21.09 13.97
CA THR A 287 -1.42 -22.46 14.44
C THR A 287 -2.49 -22.75 15.48
N PRO A 288 -2.73 -24.04 15.80
CA PRO A 288 -3.70 -24.37 16.84
C PRO A 288 -3.32 -23.80 18.21
N ASN A 289 -2.05 -23.42 18.39
CA ASN A 289 -1.59 -22.81 19.63
C ASN A 289 -1.95 -21.32 19.64
N GLY A 290 -2.28 -20.79 18.46
CA GLY A 290 -2.49 -19.36 18.30
C GLY A 290 -1.70 -18.85 17.12
N SER A 291 -1.90 -17.58 16.76
CA SER A 291 -1.16 -16.97 15.67
C SER A 291 0.30 -16.79 16.06
N ILE A 292 1.21 -16.88 15.09
CA ILE A 292 2.63 -16.65 15.35
C ILE A 292 3.20 -15.65 14.35
N PRO A 293 4.19 -14.87 14.78
CA PRO A 293 4.90 -13.98 13.83
C PRO A 293 5.53 -14.79 12.71
N ASN A 294 5.67 -14.21 11.52
CA ASN A 294 6.26 -14.94 10.41
C ASN A 294 7.52 -14.28 9.85
N ASP A 295 8.17 -13.46 10.68
CA ASP A 295 9.44 -12.86 10.28
C ASP A 295 10.56 -13.91 10.16
N LYS A 296 10.47 -14.97 10.96
CA LYS A 296 11.50 -16.01 10.94
C LYS A 296 11.17 -17.10 9.91
N PRO A 297 12.19 -17.70 9.30
CA PRO A 297 11.95 -18.73 8.28
C PRO A 297 11.47 -20.05 8.87
N PHE A 298 11.78 -20.30 10.14
CA PHE A 298 11.39 -21.57 10.74
C PHE A 298 10.59 -21.38 12.04
N GLN A 299 9.93 -22.44 12.47
CA GLN A 299 9.13 -22.38 13.69
C GLN A 299 9.05 -23.76 14.32
N ASN A 300 8.85 -23.76 15.63
CA ASN A 300 8.93 -24.95 16.44
C ASN A 300 7.60 -25.11 17.18
N VAL A 301 6.62 -24.29 16.81
CA VAL A 301 5.37 -24.21 17.56
C VAL A 301 4.39 -25.35 17.25
N ASN A 302 4.11 -25.56 15.97
CA ASN A 302 3.19 -26.61 15.58
C ASN A 302 3.39 -26.98 14.12
N ARG A 303 3.35 -28.28 13.83
CA ARG A 303 3.41 -28.76 12.45
C ARG A 303 2.12 -28.41 11.67
N ILE A 304 1.04 -28.16 12.40
CA ILE A 304 -0.22 -27.73 11.79
C ILE A 304 -0.24 -26.22 11.67
N THR A 305 -0.36 -25.70 10.44
CA THR A 305 -0.37 -24.25 10.23
C THR A 305 -1.36 -23.87 9.13
N TYR A 306 -1.70 -22.58 9.07
CA TYR A 306 -2.50 -22.04 7.97
C TYR A 306 -1.99 -20.64 7.67
N GLY A 307 -1.77 -20.34 6.39
CA GLY A 307 -1.35 -19.01 6.00
C GLY A 307 0.11 -18.90 5.60
N ALA A 308 0.63 -17.68 5.60
CA ALA A 308 2.04 -17.44 5.30
C ALA A 308 2.87 -17.74 6.54
N CYS A 309 3.37 -18.96 6.63
CA CYS A 309 3.95 -19.44 7.88
C CYS A 309 5.41 -19.86 7.74
N PRO A 310 6.19 -19.71 8.83
CA PRO A 310 7.55 -20.28 8.81
C PRO A 310 7.43 -21.79 8.74
N ARG A 311 8.47 -22.46 8.26
CA ARG A 311 8.40 -23.90 8.12
C ARG A 311 8.68 -24.60 9.44
N TYR A 312 7.90 -25.63 9.74
CA TYR A 312 8.07 -26.37 10.98
C TYR A 312 9.35 -27.19 10.97
N VAL A 313 10.17 -27.04 12.01
CA VAL A 313 11.38 -27.83 12.18
C VAL A 313 11.44 -28.40 13.59
N LYS A 314 12.26 -29.43 13.80
CA LYS A 314 12.42 -30.05 15.12
C LYS A 314 13.32 -29.26 16.10
N HIS A 315 14.27 -28.47 15.59
CA HIS A 315 15.15 -27.70 16.47
C HIS A 315 14.40 -26.64 17.26
N SER A 316 14.79 -26.42 18.51
CA SER A 316 14.15 -25.39 19.34
C SER A 316 14.81 -24.03 19.12
N THR A 317 16.04 -24.05 18.59
CA THR A 317 16.76 -22.81 18.34
C THR A 317 17.79 -23.01 17.24
N LEU A 318 18.00 -21.95 16.44
CA LEU A 318 18.99 -21.96 15.38
C LEU A 318 19.51 -20.54 15.20
N LYS A 319 20.72 -20.29 15.68
CA LYS A 319 21.27 -18.93 15.68
C LYS A 319 22.08 -18.65 14.42
N LEU A 320 21.69 -17.61 13.70
CA LEU A 320 22.43 -17.15 12.53
C LEU A 320 23.34 -16.03 12.94
N ALA A 321 24.65 -16.19 12.76
CA ALA A 321 25.59 -15.13 13.08
C ALA A 321 25.32 -13.92 12.22
N THR A 322 25.34 -12.74 12.83
CA THR A 322 25.16 -11.49 12.11
C THR A 322 26.32 -10.55 12.40
N GLY A 323 27.42 -11.12 12.91
CA GLY A 323 28.62 -10.35 13.19
C GLY A 323 29.85 -11.23 13.13
N MET A 324 31.03 -10.63 13.27
CA MET A 324 32.28 -11.37 13.21
C MET A 324 32.50 -12.21 14.45
N ARG A 325 33.52 -13.06 14.39
CA ARG A 325 33.96 -13.79 15.57
C ARG A 325 34.30 -12.81 16.70
N ASN A 326 33.87 -13.12 17.92
CA ASN A 326 34.15 -12.25 19.05
C ASN A 326 35.43 -12.66 19.77
N VAL A 327 36.46 -11.81 19.71
CA VAL A 327 37.74 -12.15 20.34
C VAL A 327 38.10 -11.10 21.38
N PRO A 328 37.71 -11.33 22.63
CA PRO A 328 37.99 -10.33 23.66
C PRO A 328 39.35 -10.56 24.30
N GLU A 329 39.74 -9.65 25.19
CA GLU A 329 40.86 -9.78 26.15
C GLU A 329 41.31 -8.38 26.55
N GLY B 1 39.27 -17.63 11.05
CA GLY B 1 38.91 -17.48 9.65
C GLY B 1 40.00 -17.99 8.73
N ILE B 2 39.64 -18.23 7.47
CA ILE B 2 40.56 -18.81 6.50
C ILE B 2 41.67 -17.85 6.08
N PHE B 3 41.51 -16.56 6.36
CA PHE B 3 42.54 -15.59 5.99
C PHE B 3 43.55 -15.34 7.11
N GLY B 4 43.16 -15.67 8.33
CA GLY B 4 44.10 -15.66 9.44
C GLY B 4 44.31 -14.30 10.08
N ALA B 5 43.42 -13.36 9.81
CA ALA B 5 43.51 -12.05 10.46
C ALA B 5 42.76 -12.03 11.79
N ILE B 6 41.44 -12.11 11.72
CA ILE B 6 40.61 -12.13 12.93
C ILE B 6 40.79 -13.44 13.67
N ALA B 7 41.04 -13.37 14.97
CA ALA B 7 41.46 -14.54 15.78
C ALA B 7 42.72 -15.19 15.21
N GLY B 8 43.51 -14.39 14.49
CA GLY B 8 44.74 -14.85 13.86
C GLY B 8 45.90 -13.93 14.23
N PHE B 9 46.52 -13.29 13.25
CA PHE B 9 47.65 -12.38 13.56
C PHE B 9 47.20 -11.10 14.26
N ILE B 10 45.91 -10.80 14.19
CA ILE B 10 45.35 -9.75 15.05
C ILE B 10 44.90 -10.41 16.35
N GLU B 11 45.63 -10.12 17.42
CA GLU B 11 45.47 -10.85 18.69
C GLU B 11 44.06 -10.80 19.28
N ASN B 12 43.44 -9.63 19.24
CA ASN B 12 42.06 -9.51 19.74
C ASN B 12 41.35 -8.29 19.18
N GLY B 13 40.03 -8.27 19.36
CA GLY B 13 39.21 -7.14 18.94
C GLY B 13 39.26 -5.99 19.93
N TRP B 14 38.74 -4.84 19.51
CA TRP B 14 38.72 -3.63 20.33
C TRP B 14 37.29 -3.33 20.80
N GLU B 15 37.04 -3.48 22.09
CA GLU B 15 35.70 -3.14 22.61
C GLU B 15 35.44 -1.64 22.56
N GLY B 16 36.51 -0.85 22.65
CA GLY B 16 36.39 0.60 22.60
C GLY B 16 36.12 1.16 21.22
N MET B 17 36.01 0.31 20.21
CA MET B 17 35.63 0.78 18.89
C MET B 17 34.15 0.53 18.65
N VAL B 18 33.35 1.58 18.81
CA VAL B 18 31.89 1.45 18.77
C VAL B 18 31.27 2.24 17.62
N ASP B 19 32.10 2.80 16.76
CA ASP B 19 31.62 3.54 15.59
C ASP B 19 31.91 2.85 14.27
N GLY B 20 32.38 1.60 14.34
CA GLY B 20 32.69 0.84 13.15
C GLY B 20 33.20 -0.55 13.49
N TRP B 21 33.28 -1.41 12.48
CA TRP B 21 33.67 -2.80 12.69
C TRP B 21 35.18 -2.98 12.52
N TYR B 22 35.78 -2.14 11.69
CA TYR B 22 37.20 -2.21 11.42
C TYR B 22 37.74 -0.80 11.60
N GLY B 23 39.03 -0.66 11.87
CA GLY B 23 39.59 0.67 12.05
C GLY B 23 41.08 0.71 12.29
N PHE B 24 41.56 1.90 12.62
CA PHE B 24 42.97 2.16 12.83
C PHE B 24 43.22 2.68 14.22
N ARG B 25 44.31 2.23 14.81
CA ARG B 25 44.85 2.84 16.02
C ARG B 25 46.27 3.23 15.72
N HIS B 26 46.66 4.41 16.17
CA HIS B 26 47.98 4.92 15.84
C HIS B 26 48.65 5.46 17.09
N GLN B 27 49.97 5.55 17.04
CA GLN B 27 50.73 6.31 18.01
C GLN B 27 51.77 7.11 17.26
N ASN B 28 51.78 8.42 17.49
CA ASN B 28 52.77 9.29 16.89
C ASN B 28 53.26 10.33 17.89
N SER B 29 53.89 11.39 17.38
CA SER B 29 54.42 12.47 18.22
C SER B 29 53.32 13.22 18.96
N GLU B 30 52.16 13.33 18.33
CA GLU B 30 51.04 14.09 18.91
C GLU B 30 50.16 13.26 19.87
N GLY B 31 50.43 11.97 19.99
CA GLY B 31 49.62 11.12 20.87
C GLY B 31 49.18 9.78 20.30
N ARG B 32 48.08 9.24 20.85
CA ARG B 32 47.53 7.95 20.47
C ARG B 32 46.06 8.15 20.10
N GLY B 33 45.63 7.56 18.99
CA GLY B 33 44.26 7.76 18.54
C GLY B 33 43.62 6.53 17.94
N GLN B 34 42.31 6.61 17.70
CA GLN B 34 41.53 5.52 17.14
C GLN B 34 40.54 6.11 16.15
N ALA B 35 40.33 5.42 15.03
CA ALA B 35 39.39 5.88 14.01
C ALA B 35 38.85 4.70 13.20
N ALA B 36 37.55 4.64 13.01
CA ALA B 36 36.93 3.55 12.26
C ALA B 36 37.11 3.71 10.77
N ASP B 37 37.15 2.59 10.05
CA ASP B 37 37.15 2.62 8.59
C ASP B 37 35.74 2.29 8.10
N LEU B 38 35.12 3.23 7.41
CA LEU B 38 33.70 3.13 7.09
C LEU B 38 33.44 2.20 5.90
N LYS B 39 34.31 2.26 4.90
CA LYS B 39 34.15 1.49 3.66
C LYS B 39 34.20 -0.02 3.91
N SER B 40 35.21 -0.47 4.67
CA SER B 40 35.30 -1.89 5.00
C SER B 40 34.18 -2.30 5.94
N THR B 41 33.84 -1.45 6.89
CA THR B 41 32.68 -1.70 7.76
C THR B 41 31.42 -1.91 6.93
N GLN B 42 31.16 -1.01 6.00
CA GLN B 42 29.93 -1.07 5.19
C GLN B 42 29.93 -2.28 4.25
N ALA B 43 31.11 -2.63 3.74
CA ALA B 43 31.25 -3.78 2.85
C ALA B 43 30.84 -5.07 3.54
N ALA B 44 31.27 -5.24 4.79
CA ALA B 44 30.87 -6.40 5.58
C ALA B 44 29.37 -6.38 5.87
N ILE B 45 28.87 -5.24 6.31
CA ILE B 45 27.45 -5.09 6.65
C ILE B 45 26.55 -5.34 5.45
N ASP B 46 26.94 -4.84 4.28
CA ASP B 46 26.14 -5.06 3.07
C ASP B 46 26.02 -6.54 2.72
N GLN B 47 27.10 -7.29 2.87
CA GLN B 47 27.07 -8.72 2.57
C GLN B 47 26.19 -9.49 3.54
N ILE B 48 26.25 -9.12 4.82
CA ILE B 48 25.42 -9.77 5.83
C ILE B 48 23.94 -9.43 5.61
N ASN B 49 23.66 -8.18 5.28
CA ASN B 49 22.28 -7.78 4.95
C ASN B 49 21.75 -8.49 3.71
N GLY B 50 22.65 -8.79 2.77
CA GLY B 50 22.29 -9.58 1.60
C GLY B 50 21.81 -10.97 1.99
N LYS B 51 22.48 -11.57 2.98
CA LYS B 51 22.06 -12.88 3.49
C LYS B 51 20.72 -12.76 4.18
N LEU B 52 20.56 -11.72 5.00
CA LEU B 52 19.33 -11.53 5.74
C LEU B 52 18.14 -11.32 4.79
N ASN B 53 18.37 -10.58 3.71
CA ASN B 53 17.33 -10.33 2.71
C ASN B 53 16.81 -11.61 2.06
N ARG B 54 17.68 -12.62 1.97
CA ARG B 54 17.29 -13.92 1.42
C ARG B 54 16.48 -14.77 2.41
N LEU B 55 16.61 -14.47 3.69
CA LEU B 55 16.04 -15.33 4.74
C LEU B 55 14.87 -14.69 5.48
N ILE B 56 14.92 -13.38 5.67
CA ILE B 56 13.94 -12.66 6.46
C ILE B 56 12.79 -12.11 5.61
N GLY B 57 11.55 -12.36 6.05
CA GLY B 57 10.36 -11.82 5.42
C GLY B 57 10.05 -12.33 4.03
N LYS B 58 10.22 -13.63 3.81
CA LYS B 58 9.99 -14.23 2.50
C LYS B 58 9.24 -15.56 2.57
N THR B 59 8.38 -15.72 3.56
CA THR B 59 7.67 -16.99 3.74
C THR B 59 6.68 -17.28 2.61
N ASN B 60 6.28 -18.55 2.50
CA ASN B 60 5.40 -18.98 1.42
C ASN B 60 4.03 -19.44 1.90
N GLU B 61 2.99 -19.05 1.16
CA GLU B 61 1.61 -19.30 1.55
C GLU B 61 1.18 -20.74 1.33
N LYS B 62 0.66 -21.36 2.39
CA LYS B 62 0.00 -22.64 2.25
C LYS B 62 -1.42 -22.52 2.79
N PHE B 63 -2.36 -23.22 2.18
CA PHE B 63 -3.74 -23.15 2.62
C PHE B 63 -4.26 -24.52 3.03
N HIS B 64 -5.16 -25.10 2.26
CA HIS B 64 -5.67 -26.43 2.61
C HIS B 64 -4.63 -27.53 2.36
N GLN B 65 -4.35 -28.31 3.39
CA GLN B 65 -3.33 -29.35 3.27
C GLN B 65 -3.91 -30.71 3.65
N ILE B 66 -3.15 -31.49 4.42
CA ILE B 66 -3.65 -32.76 4.93
C ILE B 66 -3.78 -32.63 6.44
N GLU B 67 -4.55 -33.54 7.05
CA GLU B 67 -4.64 -33.58 8.50
C GLU B 67 -3.35 -34.13 9.07
N LYS B 68 -2.98 -33.68 10.28
CA LYS B 68 -1.69 -34.03 10.85
C LYS B 68 -1.81 -34.50 12.30
N GLU B 69 -3.02 -34.47 12.82
CA GLU B 69 -3.35 -35.06 14.12
C GLU B 69 -4.61 -35.89 13.97
N PHE B 70 -4.69 -36.98 14.71
CA PHE B 70 -5.76 -37.95 14.51
C PHE B 70 -6.30 -38.44 15.86
N SER B 71 -7.62 -38.55 15.96
CA SER B 71 -8.25 -38.98 17.20
C SER B 71 -8.51 -40.49 17.24
N GLU B 72 -8.53 -41.12 16.06
CA GLU B 72 -8.75 -42.57 16.00
C GLU B 72 -7.72 -43.32 15.15
N VAL B 73 -7.43 -44.54 15.58
CA VAL B 73 -6.61 -45.49 14.82
C VAL B 73 -7.31 -45.85 13.51
N GLU B 74 -6.58 -45.79 12.40
CA GLU B 74 -7.16 -46.09 11.08
C GLU B 74 -6.29 -47.05 10.28
N GLY B 75 -5.01 -47.13 10.63
CA GLY B 75 -4.10 -47.98 9.89
C GLY B 75 -3.52 -47.32 8.66
N ARG B 76 -3.61 -48.04 7.53
CA ARG B 76 -2.83 -47.75 6.33
C ARG B 76 -2.74 -46.29 5.86
N ILE B 77 -3.90 -45.69 5.60
CA ILE B 77 -3.94 -44.33 5.06
C ILE B 77 -3.37 -43.31 6.06
N GLN B 78 -3.68 -43.52 7.33
CA GLN B 78 -3.16 -42.65 8.39
C GLN B 78 -1.64 -42.82 8.55
N ASP B 79 -1.15 -44.05 8.39
CA ASP B 79 0.28 -44.32 8.41
C ASP B 79 0.96 -43.49 7.32
N LEU B 80 0.31 -43.43 6.15
CA LEU B 80 0.87 -42.74 5.00
C LEU B 80 0.86 -41.22 5.23
N GLU B 81 -0.25 -40.67 5.72
CA GLU B 81 -0.32 -39.24 6.02
C GLU B 81 0.72 -38.81 7.06
N LYS B 82 0.90 -39.63 8.09
CA LYS B 82 1.89 -39.33 9.13
C LYS B 82 3.32 -39.40 8.59
N TYR B 83 3.58 -40.40 7.75
CA TYR B 83 4.92 -40.62 7.19
C TYR B 83 5.30 -39.51 6.24
N VAL B 84 4.33 -39.03 5.48
CA VAL B 84 4.56 -37.93 4.54
C VAL B 84 4.96 -36.67 5.30
N GLU B 85 4.22 -36.35 6.36
CA GLU B 85 4.53 -35.16 7.13
C GLU B 85 5.87 -35.28 7.87
N ASP B 86 6.12 -36.45 8.45
CA ASP B 86 7.38 -36.69 9.15
C ASP B 86 8.60 -36.60 8.20
N THR B 87 8.42 -37.10 6.99
CA THR B 87 9.46 -37.02 5.95
C THR B 87 9.75 -35.58 5.60
N LYS B 88 8.69 -34.81 5.40
CA LYS B 88 8.80 -33.39 5.04
C LYS B 88 9.51 -32.59 6.13
N ILE B 89 9.14 -32.80 7.38
CA ILE B 89 9.73 -32.05 8.49
C ILE B 89 11.23 -32.34 8.66
N ASP B 90 11.62 -33.61 8.54
CA ASP B 90 13.02 -33.99 8.64
C ASP B 90 13.84 -33.34 7.52
N LEU B 91 13.26 -33.25 6.33
CA LEU B 91 14.00 -32.67 5.20
C LEU B 91 14.15 -31.16 5.34
N TRP B 92 13.11 -30.50 5.85
CA TRP B 92 13.23 -29.07 6.15
C TRP B 92 14.11 -28.79 7.35
N SER B 93 14.07 -29.67 8.35
CA SER B 93 14.92 -29.50 9.53
C SER B 93 16.38 -29.64 9.11
N TYR B 94 16.66 -30.55 8.18
CA TYR B 94 18.00 -30.67 7.61
C TYR B 94 18.41 -29.40 6.87
N ASN B 95 17.54 -28.91 5.99
CA ASN B 95 17.84 -27.71 5.22
C ASN B 95 18.18 -26.54 6.14
N ALA B 96 17.40 -26.39 7.20
CA ALA B 96 17.59 -25.27 8.13
C ALA B 96 18.91 -25.40 8.86
N GLU B 97 19.24 -26.61 9.30
CA GLU B 97 20.49 -26.84 10.03
C GLU B 97 21.72 -26.54 9.17
N LEU B 98 21.71 -27.06 7.94
CA LEU B 98 22.84 -26.84 7.03
C LEU B 98 22.97 -25.39 6.61
N LEU B 99 21.84 -24.74 6.33
CA LEU B 99 21.84 -23.33 5.95
C LEU B 99 22.57 -22.48 6.98
N VAL B 100 22.19 -22.63 8.23
CA VAL B 100 22.80 -21.85 9.30
C VAL B 100 24.29 -22.17 9.45
N ALA B 101 24.65 -23.44 9.44
CA ALA B 101 26.06 -23.82 9.57
C ALA B 101 26.92 -23.27 8.43
N LEU B 102 26.39 -23.34 7.21
CA LEU B 102 27.08 -22.82 6.02
C LEU B 102 27.20 -21.29 5.99
N GLU B 103 26.08 -20.59 6.24
CA GLU B 103 26.07 -19.13 6.25
C GLU B 103 26.99 -18.59 7.33
N ASN B 104 26.98 -19.26 8.49
CA ASN B 104 27.80 -18.78 9.60
C ASN B 104 29.27 -18.96 9.31
N GLN B 105 29.65 -20.11 8.76
CA GLN B 105 31.04 -20.31 8.34
C GLN B 105 31.43 -19.22 7.35
N HIS B 106 30.56 -18.94 6.40
CA HIS B 106 30.83 -17.92 5.40
C HIS B 106 30.88 -16.51 5.99
N THR B 107 29.98 -16.21 6.92
CA THR B 107 29.99 -14.88 7.56
C THR B 107 31.29 -14.63 8.31
N ILE B 108 31.72 -15.63 9.08
CA ILE B 108 32.99 -15.54 9.78
C ILE B 108 34.16 -15.40 8.80
N ASP B 109 34.10 -16.09 7.66
CA ASP B 109 35.15 -15.95 6.65
C ASP B 109 35.12 -14.62 5.90
N LEU B 110 33.93 -14.09 5.61
CA LEU B 110 33.89 -12.81 4.87
C LEU B 110 34.32 -11.65 5.76
N THR B 111 33.99 -11.71 7.05
CA THR B 111 34.41 -10.64 7.95
C THR B 111 35.92 -10.67 8.18
N ASP B 112 36.48 -11.87 8.22
CA ASP B 112 37.93 -12.05 8.31
C ASP B 112 38.57 -11.52 7.04
N SER B 113 37.95 -11.82 5.90
CA SER B 113 38.43 -11.31 4.61
C SER B 113 38.47 -9.78 4.53
N GLU B 114 37.40 -9.11 4.97
CA GLU B 114 37.39 -7.64 4.93
C GLU B 114 38.53 -7.07 5.77
N MET B 115 38.81 -7.70 6.91
CA MET B 115 39.91 -7.23 7.74
C MET B 115 41.22 -7.39 7.01
N ASN B 116 41.39 -8.53 6.36
CA ASN B 116 42.62 -8.79 5.62
C ASN B 116 42.81 -7.81 4.45
N LYS B 117 41.72 -7.52 3.73
CA LYS B 117 41.80 -6.57 2.61
C LYS B 117 42.24 -5.19 3.06
N LEU B 118 41.72 -4.73 4.20
CA LEU B 118 42.07 -3.42 4.73
C LEU B 118 43.56 -3.40 5.09
N PHE B 119 44.03 -4.47 5.72
CA PHE B 119 45.44 -4.58 6.06
C PHE B 119 46.32 -4.57 4.82
N GLU B 120 45.95 -5.34 3.81
CA GLU B 120 46.74 -5.42 2.57
C GLU B 120 46.77 -4.09 1.82
N LYS B 121 45.63 -3.42 1.77
CA LYS B 121 45.51 -2.12 1.13
C LYS B 121 46.40 -1.08 1.81
N THR B 122 46.40 -1.10 3.13
CA THR B 122 47.22 -0.17 3.91
C THR B 122 48.69 -0.45 3.68
N LYS B 123 49.05 -1.74 3.65
CA LYS B 123 50.44 -2.13 3.43
C LYS B 123 50.96 -1.59 2.10
N LYS B 124 50.16 -1.74 1.06
CA LYS B 124 50.60 -1.30 -0.27
C LYS B 124 50.74 0.22 -0.31
N GLN B 125 49.84 0.92 0.39
CA GLN B 125 49.89 2.37 0.47
C GLN B 125 51.22 2.88 1.00
N LEU B 126 51.74 2.19 2.02
CA LEU B 126 52.94 2.65 2.72
C LEU B 126 54.23 2.36 1.96
N ARG B 127 54.14 1.50 0.94
CA ARG B 127 55.28 1.17 0.07
C ARG B 127 56.51 0.78 0.88
N GLU B 128 57.62 1.49 0.67
CA GLU B 128 58.85 1.21 1.40
C GLU B 128 59.01 2.03 2.68
N ASN B 129 57.95 2.71 3.11
CA ASN B 129 58.05 3.64 4.24
C ASN B 129 57.72 3.01 5.59
N ALA B 130 57.36 1.73 5.58
CA ALA B 130 56.91 1.06 6.81
C ALA B 130 57.19 -0.44 6.75
N GLU B 131 57.16 -1.09 7.92
CA GLU B 131 57.31 -2.55 7.97
C GLU B 131 56.21 -3.16 8.83
N ASP B 132 55.75 -4.34 8.42
CA ASP B 132 54.71 -5.09 9.11
C ASP B 132 55.33 -5.75 10.33
N MET B 133 54.78 -5.46 11.51
CA MET B 133 55.32 -5.99 12.75
C MET B 133 54.75 -7.37 13.05
N GLY B 134 53.81 -7.83 12.22
CA GLY B 134 53.30 -9.19 12.32
C GLY B 134 52.05 -9.37 13.18
N ASN B 135 51.59 -8.29 13.79
CA ASN B 135 50.42 -8.34 14.66
C ASN B 135 49.34 -7.37 14.19
N GLY B 136 49.34 -7.08 12.89
CA GLY B 136 48.41 -6.11 12.34
C GLY B 136 48.89 -4.68 12.48
N CYS B 137 50.10 -4.49 13.00
CA CYS B 137 50.63 -3.14 13.20
C CYS B 137 51.75 -2.85 12.21
N PHE B 138 51.82 -1.60 11.76
CA PHE B 138 52.93 -1.16 10.91
C PHE B 138 53.84 -0.23 11.69
N LYS B 139 55.14 -0.46 11.60
CA LYS B 139 56.08 0.52 12.11
C LYS B 139 56.38 1.47 10.96
N ILE B 140 56.00 2.73 11.13
CA ILE B 140 56.20 3.72 10.08
C ILE B 140 57.52 4.46 10.32
N TYR B 141 58.42 4.38 9.35
CA TYR B 141 59.79 4.85 9.57
C TYR B 141 60.01 6.33 9.30
N HIS B 142 59.00 7.14 9.61
CA HIS B 142 59.14 8.58 9.49
C HIS B 142 58.19 9.29 10.44
N LYS B 143 58.50 10.56 10.71
CA LYS B 143 57.62 11.42 11.46
C LYS B 143 56.26 11.47 10.77
N CYS B 144 55.20 11.10 11.47
CA CYS B 144 53.86 11.13 10.87
C CYS B 144 52.86 11.73 11.85
N ASP B 145 52.65 13.05 11.73
CA ASP B 145 51.68 13.74 12.58
C ASP B 145 50.23 13.33 12.30
N ASN B 146 49.27 13.95 12.98
CA ASN B 146 47.86 13.57 12.84
C ASN B 146 47.33 13.67 11.41
N ALA B 147 47.71 14.72 10.70
CA ALA B 147 47.30 14.89 9.30
C ALA B 147 47.90 13.80 8.41
N CYS B 148 49.15 13.44 8.69
CA CYS B 148 49.79 12.36 7.95
C CYS B 148 49.06 11.03 8.17
N ILE B 149 48.79 10.69 9.43
CA ILE B 149 48.02 9.49 9.77
C ILE B 149 46.66 9.54 9.07
N GLY B 150 46.02 10.71 9.15
CA GLY B 150 44.74 10.92 8.48
C GLY B 150 44.78 10.69 6.98
N SER B 151 45.87 11.11 6.35
CA SER B 151 46.04 10.92 4.90
C SER B 151 46.13 9.42 4.54
N ILE B 152 46.76 8.65 5.42
CA ILE B 152 46.82 7.20 5.23
C ILE B 152 45.41 6.60 5.33
N ARG B 153 44.67 7.00 6.36
CA ARG B 153 43.32 6.46 6.56
C ARG B 153 42.35 6.84 5.43
N ASN B 154 42.54 8.01 4.81
CA ASN B 154 41.63 8.43 3.74
C ASN B 154 42.19 8.29 2.33
N GLY B 155 43.32 7.57 2.22
CA GLY B 155 43.86 7.18 0.93
C GLY B 155 44.52 8.27 0.11
N THR B 156 45.04 9.30 0.78
CA THR B 156 45.72 10.40 0.10
C THR B 156 47.19 10.49 0.46
N TYR B 157 47.68 9.50 1.20
CA TYR B 157 49.09 9.44 1.62
C TYR B 157 50.00 9.36 0.41
N ASP B 158 50.94 10.30 0.31
CA ASP B 158 51.93 10.29 -0.76
C ASP B 158 53.27 9.77 -0.23
N HIS B 159 53.58 8.52 -0.56
CA HIS B 159 54.76 7.86 0.00
C HIS B 159 56.07 8.51 -0.45
N ASN B 160 56.09 9.06 -1.66
CA ASN B 160 57.28 9.72 -2.20
C ASN B 160 57.77 10.87 -1.33
N VAL B 161 56.82 11.54 -0.66
CA VAL B 161 57.14 12.66 0.21
C VAL B 161 58.07 12.25 1.36
N TYR B 162 57.90 11.03 1.85
CA TYR B 162 58.62 10.60 3.05
C TYR B 162 59.69 9.56 2.77
N ARG B 163 59.73 9.07 1.54
CA ARG B 163 60.55 7.92 1.18
C ARG B 163 62.03 8.05 1.59
N ASP B 164 62.64 9.21 1.30
CA ASP B 164 64.03 9.42 1.68
C ASP B 164 64.25 9.32 3.18
N GLU B 165 63.42 10.01 3.96
CA GLU B 165 63.49 9.93 5.41
C GLU B 165 63.30 8.48 5.87
N ALA B 166 62.32 7.80 5.30
CA ALA B 166 61.99 6.44 5.72
C ALA B 166 63.12 5.45 5.40
N LEU B 167 63.61 5.48 4.17
CA LEU B 167 64.72 4.60 3.78
C LEU B 167 65.96 4.76 4.65
N ASN B 168 66.32 6.00 4.97
CA ASN B 168 67.47 6.25 5.84
C ASN B 168 67.28 5.61 7.22
N ASN B 169 66.07 5.73 7.77
CA ASN B 169 65.76 5.13 9.06
C ASN B 169 65.75 3.59 9.03
N ARG B 170 65.18 3.02 7.97
CA ARG B 170 65.08 1.55 7.85
C ARG B 170 66.45 0.90 7.64
N PHE B 171 67.23 1.47 6.73
CA PHE B 171 68.46 0.85 6.29
C PHE B 171 69.69 1.60 6.81
N GLN B 172 70.12 1.20 8.00
CA GLN B 172 71.24 1.83 8.68
C GLN B 172 71.94 0.78 9.52
N ILE B 173 72.57 1.21 10.61
CA ILE B 173 73.22 0.28 11.54
C ILE B 173 72.93 0.67 12.99
N GLU C 1 16.09 1.10 -13.53
CA GLU C 1 16.63 -0.15 -14.05
C GLU C 1 15.74 -1.32 -13.67
N ILE C 2 14.62 -1.01 -13.02
CA ILE C 2 13.62 -2.02 -12.68
C ILE C 2 12.26 -1.32 -12.64
N VAL C 3 11.53 -1.41 -13.76
CA VAL C 3 10.36 -0.57 -13.95
C VAL C 3 9.19 -1.06 -13.10
N MET C 4 8.36 -0.10 -12.67
CA MET C 4 7.16 -0.37 -11.90
C MET C 4 5.96 0.13 -12.70
N THR C 5 4.93 -0.70 -12.82
CA THR C 5 3.74 -0.36 -13.57
C THR C 5 2.51 -0.59 -12.69
N GLN C 6 1.76 0.48 -12.44
CA GLN C 6 0.53 0.38 -11.67
C GLN C 6 -0.69 0.32 -12.60
N SER C 7 -1.72 -0.37 -12.15
CA SER C 7 -2.93 -0.55 -12.95
C SER C 7 -4.19 -0.45 -12.07
N PRO C 8 -5.18 0.32 -12.55
CA PRO C 8 -5.13 1.11 -13.78
C PRO C 8 -4.58 2.51 -13.55
N VAL C 9 -4.64 3.36 -14.57
CA VAL C 9 -4.17 4.74 -14.42
C VAL C 9 -5.08 5.52 -13.46
N THR C 10 -6.38 5.22 -13.49
CA THR C 10 -7.34 5.87 -12.61
C THR C 10 -8.55 4.97 -12.47
N LEU C 11 -9.12 4.93 -11.27
CA LEU C 11 -10.27 4.08 -10.98
C LEU C 11 -11.32 4.89 -10.24
N SER C 12 -12.58 4.55 -10.50
CA SER C 12 -13.73 5.18 -9.85
C SER C 12 -14.38 4.17 -8.92
N VAL C 13 -14.45 4.51 -7.64
CA VAL C 13 -15.01 3.62 -6.61
C VAL C 13 -15.95 4.43 -5.73
N SER C 14 -17.14 3.91 -5.50
CA SER C 14 -18.09 4.57 -4.63
C SER C 14 -17.58 4.57 -3.19
N PRO C 15 -17.91 5.61 -2.41
CA PRO C 15 -17.44 5.66 -1.01
C PRO C 15 -18.04 4.53 -0.18
N GLY C 16 -17.15 3.78 0.48
CA GLY C 16 -17.58 2.64 1.26
C GLY C 16 -17.10 1.32 0.66
N GLU C 17 -17.08 1.25 -0.66
CA GLU C 17 -16.63 0.05 -1.33
C GLU C 17 -15.10 -0.09 -1.22
N THR C 18 -14.64 -1.31 -1.46
CA THR C 18 -13.21 -1.60 -1.40
C THR C 18 -12.57 -1.37 -2.76
N ALA C 19 -11.46 -0.64 -2.77
CA ALA C 19 -10.75 -0.28 -4.00
C ALA C 19 -9.42 -1.02 -4.01
N THR C 20 -9.29 -1.99 -4.92
CA THR C 20 -8.08 -2.78 -5.07
C THR C 20 -7.19 -2.18 -6.16
N LEU C 21 -5.93 -1.92 -5.82
CA LEU C 21 -4.96 -1.37 -6.75
C LEU C 21 -3.94 -2.42 -7.13
N SER C 22 -3.23 -2.17 -8.23
CA SER C 22 -2.22 -3.10 -8.74
C SER C 22 -0.88 -2.40 -8.84
N CYS C 23 0.20 -3.17 -8.60
CA CYS C 23 1.58 -2.69 -8.69
C CYS C 23 2.44 -3.82 -9.28
N ARG C 24 2.28 -4.07 -10.57
CA ARG C 24 3.08 -5.08 -11.24
C ARG C 24 4.51 -4.59 -11.41
N ALA C 25 5.48 -5.46 -11.11
CA ALA C 25 6.89 -5.09 -11.11
C ALA C 25 7.68 -6.11 -11.90
N SER C 26 8.47 -5.63 -12.86
CA SER C 26 9.39 -6.50 -13.57
C SER C 26 10.50 -6.95 -12.64
N GLN C 27 10.90 -8.21 -12.79
CA GLN C 27 11.92 -8.86 -11.94
C GLN C 27 11.41 -9.02 -10.51
N SER C 28 11.98 -9.98 -9.78
CA SER C 28 11.46 -10.32 -8.45
C SER C 28 11.73 -9.20 -7.45
N VAL C 29 10.79 -9.01 -6.54
CA VAL C 29 10.89 -8.02 -5.47
C VAL C 29 9.89 -8.39 -4.38
N ARG C 30 10.38 -8.60 -3.15
CA ARG C 30 9.53 -9.05 -2.06
C ARG C 30 9.85 -8.34 -0.74
N SER C 31 11.14 -8.24 -0.42
CA SER C 31 11.57 -7.72 0.87
C SER C 31 11.06 -6.30 1.11
N ASN C 32 11.21 -5.42 0.13
CA ASN C 32 10.91 -4.01 0.28
C ASN C 32 9.88 -3.57 -0.75
N LEU C 33 8.79 -2.99 -0.27
CA LEU C 33 7.72 -2.47 -1.12
C LEU C 33 6.89 -1.53 -0.26
N ALA C 34 6.81 -0.27 -0.66
CA ALA C 34 6.16 0.75 0.15
C ALA C 34 5.05 1.43 -0.65
N TRP C 35 3.89 1.61 -0.01
CA TRP C 35 2.77 2.31 -0.60
C TRP C 35 2.67 3.72 -0.01
N TYR C 36 2.15 4.64 -0.81
CA TYR C 36 2.09 6.04 -0.40
C TYR C 36 0.75 6.65 -0.82
N GLN C 37 0.33 7.66 -0.06
CA GLN C 37 -0.93 8.38 -0.29
C GLN C 37 -0.59 9.86 -0.42
N GLN C 38 -0.36 10.32 -1.66
CA GLN C 38 0.01 11.71 -1.92
C GLN C 38 -1.27 12.47 -2.28
N LYS C 39 -1.81 13.20 -1.32
CA LYS C 39 -2.96 14.05 -1.60
C LYS C 39 -2.51 15.29 -2.37
N PRO C 40 -3.36 15.79 -3.27
CA PRO C 40 -2.97 16.95 -4.09
C PRO C 40 -2.54 18.14 -3.24
N GLY C 41 -1.45 18.76 -3.63
CA GLY C 41 -0.90 19.88 -2.88
C GLY C 41 -0.22 19.50 -1.59
N GLN C 42 0.14 18.23 -1.42
CA GLN C 42 0.79 17.76 -0.22
C GLN C 42 1.89 16.75 -0.58
N ALA C 43 2.77 16.51 0.39
CA ALA C 43 3.83 15.53 0.22
C ALA C 43 3.29 14.12 0.41
N PRO C 44 3.94 13.11 -0.18
CA PRO C 44 3.48 11.74 0.01
C PRO C 44 3.58 11.30 1.46
N ARG C 45 2.69 10.41 1.86
CA ARG C 45 2.63 9.89 3.22
C ARG C 45 2.72 8.37 3.16
N LEU C 46 3.60 7.80 4.00
CA LEU C 46 3.81 6.36 3.99
C LEU C 46 2.58 5.64 4.56
N LEU C 47 2.15 4.59 3.86
CA LEU C 47 1.04 3.75 4.31
C LEU C 47 1.50 2.36 4.72
N ILE C 48 2.09 1.61 3.80
CA ILE C 48 2.56 0.25 4.04
C ILE C 48 4.01 0.17 3.59
N TYR C 49 4.81 -0.62 4.32
CA TYR C 49 6.18 -0.90 3.93
C TYR C 49 6.43 -2.40 3.94
N GLY C 50 7.46 -2.81 3.21
CA GLY C 50 7.77 -4.22 3.07
C GLY C 50 6.88 -4.91 2.05
N ALA C 51 5.60 -5.11 2.42
CA ALA C 51 4.62 -5.70 1.53
C ALA C 51 3.23 -5.58 2.16
N SER C 52 3.12 -5.97 3.44
CA SER C 52 1.88 -5.92 4.17
C SER C 52 1.95 -5.10 5.45
N THR C 53 3.14 -4.87 6.00
CA THR C 53 3.28 -4.16 7.26
C THR C 53 2.96 -2.68 7.04
N ARG C 54 1.88 -2.22 7.66
CA ARG C 54 1.46 -0.84 7.49
C ARG C 54 2.26 0.08 8.40
N ALA C 55 2.30 1.36 8.03
CA ALA C 55 3.06 2.34 8.80
C ALA C 55 2.39 2.61 10.14
N THR C 56 3.08 3.40 10.97
CA THR C 56 2.58 3.70 12.29
C THR C 56 1.35 4.61 12.23
N ASP C 57 0.40 4.33 13.11
CA ASP C 57 -0.84 5.11 13.27
C ASP C 57 -1.46 5.49 11.92
N ILE C 58 -1.67 4.49 11.07
CA ILE C 58 -2.45 4.66 9.85
C ILE C 58 -3.68 3.76 9.97
N PRO C 59 -4.80 4.10 9.32
CA PRO C 59 -6.02 3.33 9.51
C PRO C 59 -5.86 1.87 9.08
N ALA C 60 -6.60 0.99 9.73
CA ALA C 60 -6.55 -0.43 9.42
C ALA C 60 -7.26 -0.78 8.12
N ARG C 61 -7.97 0.17 7.51
CA ARG C 61 -8.64 -0.09 6.24
C ARG C 61 -7.67 -0.19 5.08
N PHE C 62 -6.43 0.29 5.25
CA PHE C 62 -5.40 0.17 4.23
C PHE C 62 -4.73 -1.19 4.36
N SER C 63 -4.92 -2.06 3.38
CA SER C 63 -4.38 -3.41 3.39
C SER C 63 -3.36 -3.56 2.27
N GLY C 64 -2.32 -4.34 2.52
CA GLY C 64 -1.29 -4.59 1.55
C GLY C 64 -0.98 -6.06 1.42
N SER C 65 -0.64 -6.46 0.20
CA SER C 65 -0.32 -7.85 -0.09
C SER C 65 0.47 -7.90 -1.40
N GLY C 66 0.98 -9.10 -1.71
CA GLY C 66 1.74 -9.31 -2.92
C GLY C 66 3.03 -10.07 -2.70
N SER C 67 3.63 -10.57 -3.78
CA SER C 67 4.84 -11.37 -3.68
C SER C 67 5.58 -11.35 -5.01
N GLY C 68 6.87 -11.03 -4.98
CA GLY C 68 7.73 -11.16 -6.13
C GLY C 68 7.45 -10.23 -7.29
N THR C 69 6.26 -10.35 -7.88
CA THR C 69 5.95 -9.60 -9.10
C THR C 69 4.64 -8.84 -8.98
N GLU C 70 3.57 -9.54 -8.61
CA GLU C 70 2.24 -8.94 -8.51
C GLU C 70 2.02 -8.46 -7.08
N PHE C 71 1.60 -7.20 -6.95
CA PHE C 71 1.33 -6.59 -5.65
C PHE C 71 0.00 -5.84 -5.72
N THR C 72 -0.74 -5.87 -4.61
CA THR C 72 -2.06 -5.26 -4.55
C THR C 72 -2.16 -4.35 -3.32
N LEU C 73 -3.07 -3.39 -3.42
CA LEU C 73 -3.37 -2.47 -2.32
C LEU C 73 -4.88 -2.24 -2.29
N SER C 74 -5.53 -2.67 -1.21
CA SER C 74 -6.96 -2.58 -1.08
C SER C 74 -7.31 -1.63 0.08
N ILE C 75 -8.21 -0.69 -0.20
CA ILE C 75 -8.71 0.24 0.80
C ILE C 75 -10.10 -0.24 1.21
N SER C 76 -10.21 -0.76 2.43
CA SER C 76 -11.45 -1.37 2.91
C SER C 76 -12.62 -0.40 2.88
N SER C 77 -12.74 0.43 3.92
CA SER C 77 -13.80 1.43 4.00
C SER C 77 -13.29 2.73 3.40
N LEU C 78 -13.84 3.13 2.26
CA LEU C 78 -13.37 4.30 1.54
C LEU C 78 -14.04 5.56 2.09
N GLN C 79 -13.26 6.63 2.17
CA GLN C 79 -13.75 7.93 2.62
C GLN C 79 -13.57 8.96 1.51
N SER C 80 -14.36 10.03 1.61
CA SER C 80 -14.32 11.08 0.59
C SER C 80 -12.98 11.80 0.53
N ASP C 81 -12.19 11.75 1.60
CA ASP C 81 -10.88 12.40 1.63
C ASP C 81 -9.78 11.53 1.05
N ASP C 82 -10.10 10.33 0.56
CA ASP C 82 -9.09 9.43 -0.01
C ASP C 82 -8.90 9.66 -1.50
N PHE C 83 -9.08 10.90 -1.98
CA PHE C 83 -9.04 11.17 -3.41
C PHE C 83 -7.60 11.38 -3.85
N ALA C 84 -6.68 10.83 -3.09
CA ALA C 84 -5.26 11.05 -3.34
C ALA C 84 -4.77 10.13 -4.45
N VAL C 85 -3.50 10.29 -4.81
CA VAL C 85 -2.81 9.43 -5.77
C VAL C 85 -1.88 8.51 -5.00
N TYR C 86 -1.81 7.25 -5.42
CA TYR C 86 -1.06 6.22 -4.71
C TYR C 86 0.09 5.70 -5.56
N TYR C 87 1.22 5.44 -4.90
CA TYR C 87 2.44 5.00 -5.57
C TYR C 87 3.04 3.82 -4.82
N CYS C 88 3.95 3.12 -5.50
CA CYS C 88 4.64 1.98 -4.92
C CYS C 88 6.09 1.97 -5.37
N GLN C 89 7.01 1.73 -4.42
CA GLN C 89 8.43 1.66 -4.69
C GLN C 89 8.94 0.23 -4.45
N GLN C 90 10.24 0.03 -4.67
CA GLN C 90 10.78 -1.32 -4.69
C GLN C 90 12.25 -1.32 -4.27
N TYR C 91 12.73 -2.49 -3.90
CA TYR C 91 14.16 -2.77 -3.75
C TYR C 91 14.58 -3.71 -4.89
N ASN C 92 15.85 -3.64 -5.31
CA ASN C 92 16.81 -2.65 -4.84
C ASN C 92 17.64 -2.16 -6.02
N HIS C 93 18.40 -3.09 -6.62
CA HIS C 93 19.29 -2.76 -7.74
C HIS C 93 20.17 -1.56 -7.41
N TRP C 94 20.48 -1.39 -6.11
CA TRP C 94 21.01 -0.19 -5.49
C TRP C 94 20.31 1.09 -5.96
N LEU C 95 19.17 0.95 -6.64
CA LEU C 95 18.48 2.07 -7.28
C LEU C 95 16.98 1.84 -7.14
N ARG C 96 16.38 2.49 -6.14
CA ARG C 96 14.94 2.36 -5.94
C ARG C 96 14.19 3.08 -7.04
N THR C 97 13.08 2.49 -7.48
CA THR C 97 12.21 3.09 -8.48
C THR C 97 10.81 3.22 -7.92
N PHE C 98 10.08 4.23 -8.41
CA PHE C 98 8.70 4.46 -8.00
C PHE C 98 7.74 3.95 -9.08
N GLY C 99 6.46 3.91 -8.72
CA GLY C 99 5.43 3.54 -9.66
C GLY C 99 4.91 4.73 -10.46
N GLN C 100 4.05 4.42 -11.44
CA GLN C 100 3.48 5.48 -12.27
C GLN C 100 2.46 6.31 -11.49
N GLY C 101 1.61 5.65 -10.70
CA GLY C 101 0.60 6.34 -9.92
C GLY C 101 -0.81 5.92 -10.27
N THR C 102 -1.67 5.81 -9.26
CA THR C 102 -3.06 5.41 -9.46
C THR C 102 -3.97 6.45 -8.84
N LYS C 103 -4.77 7.12 -9.67
CA LYS C 103 -5.69 8.13 -9.19
C LYS C 103 -6.99 7.47 -8.72
N LEU C 104 -7.46 7.87 -7.54
CA LEU C 104 -8.66 7.30 -6.93
C LEU C 104 -9.78 8.33 -6.96
N GLU C 105 -10.95 7.93 -7.45
CA GLU C 105 -12.12 8.78 -7.50
C GLU C 105 -13.15 8.32 -6.48
N ILE C 106 -14.07 9.22 -6.14
CA ILE C 106 -15.16 8.96 -5.22
C ILE C 106 -16.48 9.02 -6.00
N ARG C 108 -20.35 9.63 -8.18
CA ARG C 108 -21.56 10.36 -7.92
C ARG C 108 -22.43 10.17 -9.14
N THR C 109 -23.60 10.76 -9.13
CA THR C 109 -24.49 10.63 -10.28
C THR C 109 -23.92 11.29 -11.53
N VAL C 110 -24.15 10.67 -12.66
CA VAL C 110 -23.70 11.25 -13.92
C VAL C 110 -24.26 12.68 -14.02
N ALA C 111 -23.41 13.63 -14.42
CA ALA C 111 -23.82 15.01 -14.57
C ALA C 111 -23.22 15.57 -15.86
N ALA C 112 -24.10 16.06 -16.72
CA ALA C 112 -23.68 16.72 -17.96
C ALA C 112 -22.98 18.04 -17.64
N PRO C 113 -21.98 18.39 -18.44
CA PRO C 113 -21.37 19.71 -18.24
C PRO C 113 -22.32 20.84 -18.60
N SER C 114 -22.20 21.94 -17.88
CA SER C 114 -22.74 23.20 -18.38
C SER C 114 -21.61 23.84 -19.18
N VAL C 115 -21.93 24.28 -20.39
CA VAL C 115 -20.90 24.70 -21.34
C VAL C 115 -21.04 26.19 -21.64
N PHE C 116 -19.91 26.89 -21.55
CA PHE C 116 -19.81 28.32 -21.81
C PHE C 116 -18.66 28.59 -22.77
N ILE C 117 -18.88 29.52 -23.70
CA ILE C 117 -17.83 29.96 -24.60
C ILE C 117 -17.55 31.47 -24.41
N PHE C 118 -16.27 31.81 -24.39
CA PHE C 118 -15.81 33.18 -24.22
C PHE C 118 -14.97 33.64 -25.41
N PRO C 119 -15.41 34.70 -26.08
CA PRO C 119 -14.56 35.36 -27.09
C PRO C 119 -13.32 35.98 -26.46
N PRO C 120 -12.29 36.22 -27.27
CA PRO C 120 -11.16 37.01 -26.76
C PRO C 120 -11.58 38.41 -26.37
N SER C 121 -10.89 38.97 -25.39
CA SER C 121 -11.14 40.34 -24.99
C SER C 121 -10.52 41.26 -26.01
N ASP C 122 -11.06 42.46 -26.13
CA ASP C 122 -10.45 43.49 -26.97
C ASP C 122 -9.03 43.80 -26.51
N GLU C 123 -8.80 43.72 -25.20
CA GLU C 123 -7.46 43.97 -24.65
C GLU C 123 -6.47 42.95 -25.20
N GLN C 124 -6.86 41.69 -25.24
CA GLN C 124 -5.94 40.68 -25.73
C GLN C 124 -5.68 40.87 -27.22
N LEU C 125 -6.73 41.15 -27.97
CA LEU C 125 -6.59 41.31 -29.42
C LEU C 125 -5.61 42.45 -29.75
N LYS C 126 -5.57 43.51 -28.96
CA LYS C 126 -4.63 44.59 -29.21
C LYS C 126 -3.18 44.13 -29.06
N SER C 127 -2.95 43.08 -28.28
CA SER C 127 -1.59 42.54 -28.14
C SER C 127 -1.22 41.56 -29.25
N GLY C 128 -2.18 41.28 -30.13
CA GLY C 128 -1.88 40.51 -31.33
C GLY C 128 -2.27 39.04 -31.29
N THR C 129 -2.89 38.61 -30.21
CA THR C 129 -3.33 37.22 -30.14
C THR C 129 -4.78 37.12 -29.67
N ALA C 130 -5.40 35.98 -29.95
CA ALA C 130 -6.79 35.75 -29.61
C ALA C 130 -6.94 34.41 -28.94
N SER C 131 -7.37 34.41 -27.68
CA SER C 131 -7.68 33.16 -27.02
C SER C 131 -9.17 33.03 -26.90
N VAL C 132 -9.70 31.95 -27.45
CA VAL C 132 -11.10 31.64 -27.30
C VAL C 132 -11.19 30.52 -26.26
N VAL C 133 -12.01 30.70 -25.26
CA VAL C 133 -12.08 29.75 -24.15
C VAL C 133 -13.42 29.03 -24.08
N CYS C 134 -13.37 27.71 -23.92
CA CYS C 134 -14.56 26.92 -23.74
C CYS C 134 -14.48 26.29 -22.34
N LEU C 135 -15.52 26.51 -21.55
CA LEU C 135 -15.60 25.99 -20.21
C LEU C 135 -16.66 24.91 -20.11
N LEU C 136 -16.26 23.76 -19.57
CA LEU C 136 -17.18 22.66 -19.32
C LEU C 136 -17.27 22.55 -17.81
N ASN C 137 -18.39 22.90 -17.23
CA ASN C 137 -18.44 23.06 -15.79
C ASN C 137 -19.22 21.97 -15.10
N ASN C 138 -18.62 21.44 -14.03
CA ASN C 138 -19.30 20.56 -13.06
C ASN C 138 -19.93 19.32 -13.67
N PHE C 139 -19.09 18.49 -14.27
CA PHE C 139 -19.57 17.28 -14.92
C PHE C 139 -18.98 16.03 -14.24
N TYR C 140 -19.59 14.88 -14.51
CA TYR C 140 -19.14 13.62 -13.98
C TYR C 140 -19.73 12.54 -14.89
N PRO C 141 -18.92 11.55 -15.28
CA PRO C 141 -17.53 11.30 -14.92
C PRO C 141 -16.56 12.20 -15.68
N ARG C 142 -15.26 11.95 -15.46
CA ARG C 142 -14.21 12.84 -15.92
C ARG C 142 -14.03 12.90 -17.44
N GLU C 143 -14.36 11.81 -18.12
CA GLU C 143 -14.16 11.68 -19.57
C GLU C 143 -15.06 12.65 -20.34
N ALA C 144 -14.44 13.51 -21.13
CA ALA C 144 -15.16 14.52 -21.89
C ALA C 144 -14.29 14.86 -23.07
N LYS C 145 -14.92 15.24 -24.16
CA LYS C 145 -14.19 15.61 -25.36
C LYS C 145 -14.66 16.98 -25.85
N VAL C 146 -13.71 17.81 -26.22
CA VAL C 146 -14.01 19.11 -26.80
C VAL C 146 -13.45 19.16 -28.21
N GLN C 147 -14.24 19.66 -29.14
CA GLN C 147 -13.77 19.93 -30.49
C GLN C 147 -14.03 21.39 -30.80
N TRP C 148 -13.08 22.03 -31.46
CA TRP C 148 -13.22 23.41 -31.85
C TRP C 148 -13.44 23.51 -33.33
N LYS C 149 -14.41 24.33 -33.72
CA LYS C 149 -14.63 24.63 -35.13
C LYS C 149 -14.62 26.13 -35.36
N VAL C 150 -13.99 26.54 -36.46
CA VAL C 150 -13.92 27.94 -36.87
C VAL C 150 -14.50 27.95 -38.28
N ASP C 151 -15.60 28.66 -38.46
CA ASP C 151 -16.39 28.61 -39.70
C ASP C 151 -16.57 27.15 -40.16
N ASN C 152 -16.93 26.31 -39.19
CA ASN C 152 -17.25 24.87 -39.38
C ASN C 152 -16.05 23.99 -39.73
N ALA C 153 -14.85 24.54 -39.67
CA ALA C 153 -13.65 23.75 -39.92
C ALA C 153 -13.02 23.32 -38.62
N LEU C 154 -12.87 22.01 -38.44
CA LEU C 154 -12.25 21.46 -37.23
C LEU C 154 -10.84 21.94 -37.05
N GLN C 155 -10.54 22.47 -35.86
CA GLN C 155 -9.22 22.93 -35.54
C GLN C 155 -8.38 21.80 -34.96
N SER C 156 -7.13 21.73 -35.39
CA SER C 156 -6.20 20.77 -34.84
C SER C 156 -4.87 21.45 -34.52
N GLY C 157 -4.36 21.20 -33.32
CA GLY C 157 -3.00 21.59 -32.98
C GLY C 157 -2.86 22.96 -32.32
N ASN C 158 -3.97 23.69 -32.28
CA ASN C 158 -3.97 25.05 -31.75
C ASN C 158 -4.88 25.21 -30.55
N SER C 159 -5.15 24.11 -29.84
CA SER C 159 -5.82 24.22 -28.53
C SER C 159 -5.08 23.46 -27.46
N GLN C 160 -5.36 23.87 -26.22
CA GLN C 160 -4.83 23.18 -25.04
C GLN C 160 -5.94 23.13 -24.03
N GLU C 161 -5.95 22.09 -23.22
CA GLU C 161 -6.99 21.99 -22.21
C GLU C 161 -6.40 21.53 -20.88
N SER C 162 -7.12 21.81 -19.81
CA SER C 162 -6.79 21.21 -18.53
C SER C 162 -8.05 21.00 -17.74
N VAL C 163 -7.95 20.11 -16.76
CA VAL C 163 -9.09 19.61 -16.03
C VAL C 163 -8.77 19.75 -14.55
N THR C 164 -9.74 20.20 -13.77
CA THR C 164 -9.55 20.32 -12.34
C THR C 164 -9.52 18.94 -11.66
N GLU C 165 -8.96 18.92 -10.44
CA GLU C 165 -9.11 17.77 -9.56
C GLU C 165 -10.60 17.62 -9.28
N GLN C 166 -11.02 16.41 -8.90
CA GLN C 166 -12.38 16.21 -8.47
C GLN C 166 -12.73 17.21 -7.36
N ASP C 167 -13.85 17.90 -7.51
CA ASP C 167 -14.24 18.94 -6.56
C ASP C 167 -14.70 18.30 -5.26
N SER C 168 -14.16 18.72 -4.12
CA SER C 168 -14.57 18.12 -2.87
C SER C 168 -16.05 18.36 -2.57
N LYS C 169 -16.56 19.50 -3.01
CA LYS C 169 -17.89 19.94 -2.61
C LYS C 169 -19.01 19.20 -3.33
N ASP C 170 -18.76 18.77 -4.55
CA ASP C 170 -19.83 18.07 -5.29
C ASP C 170 -19.35 16.91 -6.15
N SER C 171 -18.09 16.55 -6.01
CA SER C 171 -17.52 15.38 -6.65
C SER C 171 -17.51 15.49 -8.18
N THR C 172 -17.61 16.71 -8.70
CA THR C 172 -17.56 16.93 -10.13
C THR C 172 -16.19 17.36 -10.62
N TYR C 173 -16.06 17.42 -11.94
CA TYR C 173 -14.85 17.92 -12.60
C TYR C 173 -15.25 19.09 -13.46
N SER C 174 -14.27 19.92 -13.80
CA SER C 174 -14.51 20.98 -14.78
C SER C 174 -13.30 20.99 -15.70
N LEU C 175 -13.47 21.57 -16.88
CA LEU C 175 -12.46 21.51 -17.93
C LEU C 175 -12.50 22.82 -18.66
N SER C 176 -11.32 23.35 -18.91
CA SER C 176 -11.13 24.59 -19.68
C SER C 176 -10.31 24.27 -20.90
N SER C 177 -10.81 24.68 -22.07
CA SER C 177 -10.06 24.52 -23.30
C SER C 177 -9.86 25.89 -23.94
N THR C 178 -8.65 26.13 -24.43
CA THR C 178 -8.32 27.40 -25.06
C THR C 178 -7.86 27.16 -26.47
N LEU C 179 -8.54 27.82 -27.40
CA LEU C 179 -8.14 27.86 -28.80
C LEU C 179 -7.38 29.15 -29.01
N THR C 180 -6.16 29.07 -29.53
CA THR C 180 -5.33 30.27 -29.68
C THR C 180 -5.10 30.53 -31.16
N LEU C 181 -5.46 31.74 -31.58
CA LEU C 181 -5.27 32.17 -32.95
C LEU C 181 -4.47 33.48 -32.92
N SER C 182 -3.79 33.80 -34.02
CA SER C 182 -3.25 35.15 -34.18
C SER C 182 -4.42 36.12 -34.30
N LYS C 183 -4.18 37.40 -34.03
CA LYS C 183 -5.21 38.41 -34.27
C LYS C 183 -5.69 38.37 -35.72
N ALA C 184 -4.75 38.32 -36.66
CA ALA C 184 -5.10 38.37 -38.06
C ALA C 184 -6.04 37.22 -38.43
N ASP C 185 -5.73 36.02 -37.95
CA ASP C 185 -6.57 34.85 -38.22
C ASP C 185 -7.94 34.96 -37.59
N TYR C 186 -7.97 35.40 -36.33
CA TYR C 186 -9.24 35.56 -35.64
C TYR C 186 -10.17 36.51 -36.38
N GLU C 187 -9.62 37.60 -36.92
CA GLU C 187 -10.44 38.59 -37.59
C GLU C 187 -10.81 38.18 -39.01
N LYS C 188 -10.34 37.02 -39.45
CA LYS C 188 -10.61 36.56 -40.80
C LYS C 188 -11.83 35.65 -40.83
N HIS C 189 -12.28 35.22 -39.66
CA HIS C 189 -13.37 34.24 -39.56
C HIS C 189 -14.50 34.75 -38.69
N LYS C 190 -15.68 34.14 -38.83
CA LYS C 190 -16.89 34.64 -38.18
C LYS C 190 -17.38 33.76 -37.03
N VAL C 191 -17.61 32.47 -37.31
CA VAL C 191 -18.22 31.55 -36.33
C VAL C 191 -17.22 30.73 -35.55
N TYR C 192 -17.25 30.87 -34.22
CA TYR C 192 -16.35 30.14 -33.34
C TYR C 192 -17.21 29.23 -32.50
N ALA C 193 -16.88 27.95 -32.52
CA ALA C 193 -17.71 26.99 -31.82
C ALA C 193 -16.91 25.96 -31.07
N CYS C 194 -17.41 25.62 -29.89
CA CYS C 194 -16.93 24.55 -29.07
C CYS C 194 -17.99 23.44 -29.08
N GLU C 195 -17.63 22.22 -29.43
CA GLU C 195 -18.55 21.07 -29.40
C GLU C 195 -18.12 20.10 -28.33
N VAL C 196 -19.04 19.75 -27.44
CA VAL C 196 -18.72 18.94 -26.27
C VAL C 196 -19.44 17.62 -26.27
N THR C 197 -18.66 16.56 -26.06
CA THR C 197 -19.22 15.23 -25.97
C THR C 197 -19.00 14.74 -24.55
N HIS C 198 -20.03 14.14 -23.96
CA HIS C 198 -19.98 13.65 -22.60
C HIS C 198 -21.14 12.71 -22.36
N GLN C 199 -20.91 11.71 -21.50
CA GLN C 199 -21.87 10.66 -21.22
C GLN C 199 -23.22 11.20 -20.75
N GLY C 200 -23.20 12.31 -20.05
CA GLY C 200 -24.41 12.92 -19.53
C GLY C 200 -25.25 13.65 -20.57
N LEU C 201 -24.71 13.81 -21.78
CA LEU C 201 -25.41 14.49 -22.86
C LEU C 201 -25.86 13.46 -23.89
N SER C 202 -27.16 13.44 -24.18
CA SER C 202 -27.70 12.51 -25.16
C SER C 202 -27.18 12.79 -26.57
N SER C 203 -26.83 14.03 -26.85
CA SER C 203 -26.16 14.42 -28.10
C SER C 203 -25.09 15.43 -27.76
N PRO C 204 -24.02 15.49 -28.55
CA PRO C 204 -22.99 16.53 -28.30
C PRO C 204 -23.61 17.91 -28.34
N VAL C 205 -23.09 18.81 -27.50
CA VAL C 205 -23.60 20.17 -27.38
C VAL C 205 -22.59 21.15 -27.96
N THR C 206 -23.10 22.06 -28.78
CA THR C 206 -22.28 23.11 -29.35
C THR C 206 -22.64 24.48 -28.77
N LYS C 207 -21.63 25.21 -28.29
CA LYS C 207 -21.79 26.61 -27.95
C LYS C 207 -20.94 27.39 -28.94
N SER C 208 -21.47 28.50 -29.41
CA SER C 208 -20.76 29.26 -30.42
C SER C 208 -21.09 30.72 -30.30
N PHE C 209 -20.27 31.52 -30.95
CA PHE C 209 -20.57 32.93 -31.16
C PHE C 209 -20.09 33.36 -32.54
N ASN C 210 -20.67 34.46 -32.99
CA ASN C 210 -20.24 35.11 -34.21
C ASN C 210 -19.39 36.31 -33.85
N ARG C 211 -18.19 36.39 -34.40
CA ARG C 211 -17.30 37.49 -34.07
C ARG C 211 -17.98 38.76 -34.47
N GLY C 212 -17.98 39.73 -33.57
CA GLY C 212 -18.56 41.03 -33.86
C GLY C 212 -20.06 41.10 -33.71
N GLU C 213 -20.63 40.10 -33.03
CA GLU C 213 -22.06 40.11 -32.72
C GLU C 213 -22.30 39.84 -31.23
N CYS C 214 -23.26 40.55 -30.65
CA CYS C 214 -23.74 40.29 -29.30
C CYS C 214 -24.82 41.30 -28.92
N GLU D 1 7.92 15.09 16.58
CA GLU D 1 8.16 15.97 15.45
C GLU D 1 9.46 15.58 14.75
N VAL D 2 9.36 15.24 13.46
CA VAL D 2 10.51 14.79 12.68
C VAL D 2 10.57 15.56 11.37
N GLN D 3 9.92 16.72 11.31
CA GLN D 3 9.83 17.46 10.06
C GLN D 3 11.18 18.04 9.66
N LEU D 4 11.44 18.07 8.37
CA LEU D 4 12.59 18.74 7.79
C LEU D 4 12.10 19.82 6.83
N LEU D 5 12.94 20.82 6.60
CA LEU D 5 12.58 21.97 5.77
C LEU D 5 13.58 22.11 4.63
N GLU D 6 13.07 22.22 3.42
CA GLU D 6 13.88 22.38 2.23
C GLU D 6 13.98 23.84 1.86
N SER D 7 15.20 24.34 1.71
CA SER D 7 15.45 25.72 1.32
C SER D 7 16.24 25.74 0.02
N GLY D 8 16.16 26.87 -0.68
CA GLY D 8 16.87 27.03 -1.93
C GLY D 8 15.98 26.90 -3.15
N GLY D 9 16.53 26.37 -4.24
CA GLY D 9 15.77 26.21 -5.47
C GLY D 9 15.53 27.55 -6.16
N GLY D 10 14.78 27.50 -7.24
CA GLY D 10 14.43 28.66 -8.01
C GLY D 10 14.60 28.41 -9.50
N LEU D 11 14.76 29.49 -10.25
CA LEU D 11 14.91 29.43 -11.71
C LEU D 11 16.38 29.48 -12.07
N VAL D 12 16.82 28.55 -12.92
CA VAL D 12 18.21 28.50 -13.36
C VAL D 12 18.26 28.18 -14.85
N GLN D 13 19.29 28.70 -15.50
CA GLN D 13 19.50 28.41 -16.91
C GLN D 13 20.08 27.01 -17.06
N PRO D 14 19.68 26.25 -18.08
CA PRO D 14 20.25 24.92 -18.29
C PRO D 14 21.78 24.98 -18.40
N GLY D 15 22.43 24.04 -17.72
CA GLY D 15 23.88 23.99 -17.67
C GLY D 15 24.48 24.54 -16.39
N GLU D 16 23.68 25.22 -15.57
CA GLU D 16 24.18 25.82 -14.35
C GLU D 16 24.11 24.82 -13.19
N SER D 17 24.61 25.24 -12.05
CA SER D 17 24.56 24.44 -10.83
C SER D 17 23.63 25.09 -9.82
N LEU D 18 23.14 24.26 -8.90
CA LEU D 18 22.30 24.70 -7.79
C LEU D 18 22.23 23.64 -6.68
N ARG D 19 22.50 24.01 -5.44
CA ARG D 19 22.41 23.08 -4.34
C ARG D 19 21.21 23.42 -3.47
N VAL D 20 20.52 22.38 -2.99
CA VAL D 20 19.32 22.53 -2.17
C VAL D 20 19.62 22.00 -0.78
N SER D 21 19.24 22.75 0.24
CA SER D 21 19.47 22.39 1.63
C SER D 21 18.25 21.70 2.20
N CYS D 22 18.47 20.93 3.27
CA CYS D 22 17.39 20.20 3.95
C CYS D 22 17.71 20.20 5.44
N ALA D 23 17.12 21.13 6.18
CA ALA D 23 17.34 21.24 7.61
C ALA D 23 16.65 20.09 8.32
N ALA D 24 17.43 19.08 8.71
CA ALA D 24 16.89 17.91 9.40
C ALA D 24 16.68 18.25 10.86
N SER D 25 15.44 18.52 11.24
CA SER D 25 15.09 18.88 12.61
C SER D 25 14.23 17.79 13.24
N GLY D 26 14.33 17.65 14.56
CA GLY D 26 13.44 16.80 15.29
C GLY D 26 14.03 15.49 15.78
N PHE D 27 13.22 14.42 15.71
CA PHE D 27 13.61 13.13 16.27
C PHE D 27 14.88 12.58 15.63
N THR D 28 15.14 12.92 14.38
CA THR D 28 16.28 12.39 13.65
C THR D 28 17.60 12.76 14.31
N PHE D 29 18.28 11.78 14.91
CA PHE D 29 19.61 11.99 15.46
C PHE D 29 20.65 12.15 14.37
N ARG D 30 20.29 11.87 13.11
CA ARG D 30 21.19 11.98 11.96
C ARG D 30 22.33 10.97 12.05
N ASP D 31 22.05 9.81 12.64
CA ASP D 31 22.80 8.59 12.33
C ASP D 31 21.98 7.68 11.41
N SER D 32 20.84 8.16 10.94
CA SER D 32 19.99 7.45 10.00
C SER D 32 20.12 8.08 8.62
N ALA D 33 19.68 7.32 7.62
CA ALA D 33 19.86 7.74 6.23
C ALA D 33 18.83 8.80 5.84
N LEU D 34 19.16 9.54 4.79
CA LEU D 34 18.28 10.54 4.20
C LEU D 34 18.34 10.42 2.69
N SER D 35 17.30 10.91 2.01
CA SER D 35 17.19 10.76 0.57
C SER D 35 16.56 12.00 -0.04
N TRP D 36 16.77 12.16 -1.35
CA TRP D 36 16.14 13.19 -2.16
C TRP D 36 15.26 12.54 -3.20
N VAL D 37 14.06 13.09 -3.41
CA VAL D 37 13.11 12.60 -4.40
C VAL D 37 12.50 13.79 -5.12
N ARG D 38 12.56 13.79 -6.44
CA ARG D 38 12.05 14.90 -7.25
C ARG D 38 10.78 14.48 -7.98
N GLN D 39 9.90 15.45 -8.22
CA GLN D 39 8.67 15.23 -8.95
C GLN D 39 8.32 16.48 -9.73
N ALA D 40 8.12 16.33 -11.03
CA ALA D 40 7.67 17.48 -11.81
C ALA D 40 6.14 17.49 -11.87
N PRO D 41 5.52 18.67 -11.70
CA PRO D 41 4.07 18.77 -11.86
C PRO D 41 3.63 18.26 -13.22
N GLY D 42 2.76 17.24 -13.20
CA GLY D 42 2.41 16.51 -14.40
C GLY D 42 3.11 15.18 -14.55
N LYS D 43 4.01 14.84 -13.64
CA LYS D 43 4.70 13.56 -13.62
C LYS D 43 4.67 12.99 -12.20
N GLY D 44 5.02 11.71 -12.09
CA GLY D 44 5.01 11.01 -10.83
C GLY D 44 6.31 11.19 -10.05
N LEU D 45 6.41 10.43 -8.96
CA LEU D 45 7.60 10.49 -8.12
C LEU D 45 8.77 9.76 -8.78
N GLU D 46 9.97 10.14 -8.36
CA GLU D 46 11.19 9.50 -8.86
C GLU D 46 12.28 9.68 -7.81
N TRP D 47 12.82 8.57 -7.32
CA TRP D 47 13.90 8.62 -6.35
C TRP D 47 15.17 9.16 -7.01
N VAL D 48 15.85 10.08 -6.31
CA VAL D 48 17.03 10.73 -6.86
C VAL D 48 18.30 10.12 -6.29
N SER D 49 18.41 10.10 -4.96
CA SER D 49 19.69 9.73 -4.34
C SER D 49 19.44 9.44 -2.86
N ALA D 50 20.53 9.14 -2.15
CA ALA D 50 20.47 8.80 -0.74
C ALA D 50 21.84 9.08 -0.11
N ILE D 51 21.84 9.22 1.22
CA ILE D 51 23.04 9.48 2.01
C ILE D 51 22.99 8.57 3.23
N SER D 52 24.17 8.22 3.75
CA SER D 52 24.25 7.33 4.89
C SER D 52 25.48 7.66 5.71
N GLY D 53 25.30 7.76 7.03
CA GLY D 53 26.40 7.95 7.96
C GLY D 53 27.31 9.07 7.57
N ASN D 54 28.48 8.73 7.00
CA ASN D 54 29.41 9.71 6.47
C ASN D 54 29.41 9.57 4.96
N GLY D 55 30.44 8.98 4.36
CA GLY D 55 30.54 8.87 2.93
C GLY D 55 30.14 7.52 2.37
N GLY D 56 29.11 6.90 2.94
CA GLY D 56 28.63 5.62 2.44
C GLY D 56 27.70 5.68 1.26
N ALA D 57 27.41 6.87 0.73
CA ALA D 57 26.47 7.03 -0.37
C ALA D 57 26.68 8.39 -1.06
N THR D 58 27.10 8.48 -2.33
CA THR D 58 27.52 7.46 -3.32
C THR D 58 26.35 6.66 -3.92
N TYR D 59 25.12 6.97 -3.55
CA TYR D 59 23.94 6.34 -4.16
C TYR D 59 23.18 7.38 -4.98
N TYR D 60 23.29 7.31 -6.31
CA TYR D 60 22.63 8.24 -7.21
C TYR D 60 21.88 7.47 -8.30
N ALA D 61 20.77 8.05 -8.76
CA ALA D 61 20.01 7.44 -9.83
C ALA D 61 20.73 7.61 -11.17
N ASP D 62 20.39 6.73 -12.11
CA ASP D 62 21.04 6.75 -13.42
C ASP D 62 20.78 8.04 -14.19
N THR D 63 19.69 8.74 -13.87
CA THR D 63 19.41 10.01 -14.56
C THR D 63 20.43 11.07 -14.17
N VAL D 64 20.88 11.07 -12.92
CA VAL D 64 21.79 12.07 -12.40
C VAL D 64 23.12 11.46 -11.97
N LYS D 65 23.47 10.29 -12.51
CA LYS D 65 24.65 9.56 -12.07
C LYS D 65 25.93 10.39 -12.17
N GLY D 66 26.03 11.22 -13.20
CA GLY D 66 27.20 12.06 -13.37
C GLY D 66 27.00 13.54 -13.12
N ARG D 67 25.85 13.96 -12.58
CA ARG D 67 25.55 15.37 -12.40
C ARG D 67 25.34 15.74 -10.94
N PHE D 68 24.52 15.00 -10.21
CA PHE D 68 24.17 15.35 -8.84
C PHE D 68 25.15 14.72 -7.85
N THR D 69 25.44 15.45 -6.78
CA THR D 69 26.31 14.97 -5.71
C THR D 69 25.69 15.37 -4.37
N ILE D 70 25.71 14.43 -3.43
CA ILE D 70 24.96 14.55 -2.18
C ILE D 70 25.95 14.79 -1.04
N SER D 71 25.72 15.86 -0.30
CA SER D 71 26.55 16.23 0.84
C SER D 71 25.76 16.07 2.13
N ARG D 72 26.48 15.89 3.23
CA ARG D 72 25.89 15.79 4.55
C ARG D 72 26.75 16.53 5.55
N ASP D 73 26.13 17.40 6.33
CA ASP D 73 26.81 18.21 7.34
C ASP D 73 26.13 17.94 8.68
N ASN D 74 26.59 16.91 9.38
CA ASN D 74 25.98 16.53 10.65
C ASN D 74 26.23 17.57 11.76
N SER D 75 27.29 18.36 11.64
CA SER D 75 27.56 19.36 12.67
C SER D 75 26.46 20.43 12.71
N GLN D 76 25.96 20.84 11.56
CA GLN D 76 24.86 21.78 11.48
C GLN D 76 23.53 21.11 11.15
N THR D 77 23.52 19.79 11.03
CA THR D 77 22.31 18.99 10.82
C THR D 77 21.53 19.46 9.58
N THR D 78 22.22 19.42 8.44
CA THR D 78 21.62 19.84 7.17
C THR D 78 22.09 18.92 6.05
N LEU D 79 21.15 18.49 5.22
CA LEU D 79 21.44 17.65 4.07
C LEU D 79 21.43 18.49 2.80
N TYR D 80 22.40 18.24 1.92
CA TYR D 80 22.58 19.03 0.71
C TYR D 80 22.48 18.15 -0.53
N LEU D 81 22.42 18.82 -1.69
CA LEU D 81 22.35 18.12 -2.97
C LEU D 81 22.79 19.13 -4.04
N GLN D 82 24.04 19.01 -4.48
CA GLN D 82 24.60 19.90 -5.50
C GLN D 82 24.21 19.39 -6.88
N MET D 83 23.31 20.10 -7.54
CA MET D 83 22.78 19.69 -8.84
C MET D 83 23.51 20.46 -9.94
N ASN D 84 24.54 19.84 -10.51
CA ASN D 84 25.35 20.46 -11.55
C ASN D 84 24.92 19.97 -12.93
N SER D 85 25.25 20.78 -13.94
CA SER D 85 24.93 20.48 -15.34
C SER D 85 23.45 20.20 -15.52
N LEU D 86 22.62 21.09 -14.98
CA LEU D 86 21.18 20.91 -15.01
C LEU D 86 20.65 20.99 -16.44
N ARG D 87 19.77 20.07 -16.78
CA ARG D 87 19.10 20.03 -18.08
C ARG D 87 17.64 20.44 -17.92
N ALA D 88 16.92 20.45 -19.04
CA ALA D 88 15.54 20.92 -19.03
C ALA D 88 14.64 20.01 -18.19
N ASP D 89 14.81 18.70 -18.32
CA ASP D 89 13.94 17.75 -17.62
C ASP D 89 14.20 17.71 -16.12
N ASP D 90 15.20 18.44 -15.61
CA ASP D 90 15.47 18.49 -14.18
C ASP D 90 14.50 19.37 -13.41
N THR D 91 13.57 20.05 -14.10
CA THR D 91 12.57 20.88 -13.45
C THR D 91 11.60 19.99 -12.67
N ALA D 92 11.61 20.10 -11.34
CA ALA D 92 10.80 19.25 -10.49
C ALA D 92 10.71 19.87 -9.10
N THR D 93 9.81 19.32 -8.29
CA THR D 93 9.67 19.71 -6.89
C THR D 93 10.49 18.72 -6.06
N TYR D 94 11.72 19.10 -5.73
CA TYR D 94 12.63 18.20 -5.05
C TYR D 94 12.23 18.03 -3.59
N TYR D 95 11.89 16.80 -3.21
CA TYR D 95 11.49 16.48 -1.85
C TYR D 95 12.65 15.84 -1.09
N CYS D 96 12.87 16.29 0.14
CA CYS D 96 13.82 15.68 1.05
C CYS D 96 13.03 14.74 1.96
N ALA D 97 13.41 13.46 1.96
CA ALA D 97 12.61 12.44 2.62
C ALA D 97 13.46 11.69 3.64
N LYS D 98 12.85 11.42 4.79
CA LYS D 98 13.47 10.54 5.78
C LYS D 98 13.59 9.12 5.21
N ASP D 99 14.45 8.33 5.84
CA ASP D 99 14.68 6.95 5.43
C ASP D 99 14.69 6.05 6.66
N GLU D 100 13.87 5.01 6.62
CA GLU D 100 13.79 4.04 7.71
C GLU D 100 13.96 2.64 7.14
N SER D 101 14.54 1.75 7.94
CA SER D 101 14.79 0.38 7.56
C SER D 101 14.27 -0.57 8.63
N PRO D 102 13.92 -1.80 8.26
CA PRO D 102 13.55 -2.80 9.27
C PRO D 102 14.67 -3.00 10.28
N PRO D 103 14.34 -3.19 11.55
CA PRO D 103 15.39 -3.27 12.58
C PRO D 103 16.33 -4.45 12.42
N ILE D 104 15.95 -5.46 11.62
CA ILE D 104 16.86 -6.59 11.42
C ILE D 104 18.08 -6.17 10.61
N TYR D 105 17.91 -5.22 9.68
CA TYR D 105 19.03 -4.69 8.93
C TYR D 105 19.72 -3.60 9.76
N ASN D 106 20.59 -2.83 9.11
CA ASN D 106 21.34 -1.75 9.74
C ASN D 106 22.07 -2.25 11.00
N LEU D 107 23.09 -3.05 10.73
CA LEU D 107 23.88 -3.64 11.80
C LEU D 107 24.61 -2.56 12.59
N MET D 108 25.55 -1.88 11.95
CA MET D 108 26.18 -0.71 12.58
C MET D 108 25.27 0.50 12.41
N PRO D 109 25.03 1.27 13.48
CA PRO D 109 24.02 2.33 13.41
C PRO D 109 24.29 3.38 12.34
N GLY D 110 25.55 3.64 12.01
CA GLY D 110 25.86 4.70 11.08
C GLY D 110 25.74 4.33 9.62
N TYR D 111 26.18 3.13 9.26
CA TYR D 111 26.31 2.77 7.85
C TYR D 111 24.94 2.55 7.21
N TYR D 112 24.96 2.23 5.92
CA TYR D 112 23.76 2.14 5.10
C TYR D 112 23.15 0.75 5.18
N SER D 113 21.84 0.69 5.41
CA SER D 113 21.06 -0.52 5.26
C SER D 113 20.41 -0.48 3.88
N THR D 114 20.78 -1.44 3.02
CA THR D 114 20.44 -1.32 1.61
C THR D 114 18.94 -1.51 1.33
N TYR D 115 18.10 -1.41 2.36
CA TYR D 115 16.64 -1.53 2.20
C TYR D 115 15.99 -0.43 3.03
N TYR D 116 15.64 0.68 2.39
CA TYR D 116 15.03 1.82 3.05
C TYR D 116 13.66 2.13 2.46
N TYR D 117 12.75 2.59 3.32
CA TYR D 117 11.48 3.15 2.92
C TYR D 117 11.31 4.51 3.60
N MET D 118 10.83 5.49 2.83
CA MET D 118 10.71 6.86 3.31
C MET D 118 9.40 7.04 4.05
N ASP D 119 9.48 7.57 5.27
CA ASP D 119 8.33 7.71 6.16
C ASP D 119 7.88 9.15 6.34
N VAL D 120 8.81 10.06 6.63
CA VAL D 120 8.50 11.46 6.86
C VAL D 120 8.99 12.27 5.67
N TRP D 121 8.08 12.87 4.94
CA TRP D 121 8.40 13.69 3.78
C TRP D 121 8.44 15.16 4.17
N GLY D 122 9.14 15.95 3.35
CA GLY D 122 9.29 17.37 3.58
C GLY D 122 8.30 18.20 2.78
N LYS D 123 8.39 19.51 2.99
CA LYS D 123 7.50 20.43 2.29
C LYS D 123 7.86 20.54 0.82
N GLY D 124 9.13 20.38 0.47
CA GLY D 124 9.54 20.41 -0.93
C GLY D 124 9.91 21.78 -1.43
N THR D 125 10.93 21.83 -2.30
CA THR D 125 11.36 23.07 -2.94
C THR D 125 11.28 22.89 -4.44
N THR D 126 10.63 23.84 -5.11
CA THR D 126 10.45 23.78 -6.55
C THR D 126 11.65 24.39 -7.26
N VAL D 127 12.21 23.65 -8.22
CA VAL D 127 13.35 24.09 -9.02
C VAL D 127 12.93 24.05 -10.48
N THR D 128 13.02 25.20 -11.15
CA THR D 128 12.66 25.32 -12.56
C THR D 128 13.91 25.59 -13.39
N VAL D 129 14.13 24.77 -14.41
CA VAL D 129 15.29 24.90 -15.29
C VAL D 129 14.76 25.22 -16.68
N SER D 130 14.96 26.47 -17.08
CA SER D 130 14.65 26.90 -18.44
C SER D 130 15.67 27.93 -18.89
N SER D 131 15.44 28.45 -20.09
CA SER D 131 16.09 29.65 -20.57
C SER D 131 15.11 30.81 -20.46
N ALA D 132 14.01 30.59 -19.74
CA ALA D 132 13.00 31.60 -19.61
C ALA D 132 13.61 32.82 -18.98
N SER D 133 12.77 33.81 -18.72
CA SER D 133 13.21 35.07 -18.20
C SER D 133 12.00 35.72 -17.62
N THR D 134 11.98 35.80 -16.31
CA THR D 134 10.75 36.04 -15.58
C THR D 134 9.90 37.08 -16.31
N LYS D 135 8.59 36.85 -16.33
CA LYS D 135 7.64 37.74 -16.99
C LYS D 135 6.28 37.71 -16.30
N GLY D 136 5.74 38.89 -15.98
CA GLY D 136 4.43 39.00 -15.39
C GLY D 136 3.28 38.79 -16.38
N PRO D 137 2.11 38.41 -15.87
CA PRO D 137 0.99 38.09 -16.77
C PRO D 137 0.22 39.30 -17.29
N SER D 138 -0.44 39.10 -18.42
CA SER D 138 -1.53 39.96 -18.88
C SER D 138 -2.82 39.32 -18.40
N VAL D 139 -3.77 40.14 -17.99
CA VAL D 139 -5.02 39.61 -17.45
C VAL D 139 -6.16 40.12 -18.29
N PHE D 140 -6.93 39.19 -18.87
CA PHE D 140 -8.02 39.56 -19.76
C PHE D 140 -9.34 39.06 -19.22
N PRO D 141 -10.41 39.82 -19.45
CA PRO D 141 -11.69 39.37 -18.92
C PRO D 141 -12.32 38.27 -19.76
N LEU D 142 -13.00 37.35 -19.10
CA LEU D 142 -13.90 36.39 -19.74
C LEU D 142 -15.31 36.85 -19.36
N ALA D 143 -15.91 37.63 -20.24
CA ALA D 143 -17.09 38.40 -19.87
C ALA D 143 -18.34 37.55 -19.98
N PRO D 144 -19.25 37.70 -19.01
CA PRO D 144 -20.53 36.97 -19.04
C PRO D 144 -21.40 37.54 -20.14
N SER D 145 -22.08 36.67 -20.87
CA SER D 145 -22.92 37.15 -21.95
C SER D 145 -24.32 36.55 -21.85
N GLY D 152 -30.62 31.59 -15.37
CA GLY D 152 -30.51 31.94 -13.95
C GLY D 152 -29.07 32.06 -13.51
N THR D 153 -28.17 31.29 -14.14
CA THR D 153 -26.76 31.26 -13.76
C THR D 153 -25.84 31.69 -14.89
N ALA D 154 -24.91 32.58 -14.57
CA ALA D 154 -23.93 33.05 -15.55
C ALA D 154 -22.51 32.69 -15.13
N ALA D 155 -21.64 32.53 -16.11
CA ALA D 155 -20.22 32.29 -15.82
C ALA D 155 -19.42 33.49 -16.28
N LEU D 156 -18.42 33.85 -15.50
CA LEU D 156 -17.49 34.91 -15.89
C LEU D 156 -16.12 34.50 -15.39
N GLY D 157 -15.06 35.18 -15.84
CA GLY D 157 -13.74 34.77 -15.44
C GLY D 157 -12.66 35.71 -15.89
N CYS D 158 -11.42 35.28 -15.70
CA CYS D 158 -10.23 36.05 -16.10
C CYS D 158 -9.29 35.06 -16.73
N LEU D 159 -8.66 35.46 -17.82
CA LEU D 159 -7.60 34.70 -18.41
C LEU D 159 -6.29 35.38 -18.03
N VAL D 160 -5.40 34.60 -17.42
CA VAL D 160 -4.11 35.10 -16.98
C VAL D 160 -3.06 34.50 -17.89
N LYS D 161 -2.53 35.32 -18.77
CA LYS D 161 -1.78 34.80 -19.90
C LYS D 161 -0.37 35.34 -19.96
N ASP D 162 0.52 34.47 -20.47
CA ASP D 162 1.86 34.84 -20.84
C ASP D 162 2.73 35.27 -19.67
N TYR D 163 2.79 34.41 -18.66
CA TYR D 163 3.66 34.65 -17.53
C TYR D 163 4.65 33.51 -17.33
N PHE D 164 5.68 33.80 -16.55
CA PHE D 164 6.71 32.82 -16.26
C PHE D 164 7.53 33.30 -15.09
N PRO D 165 7.88 32.39 -14.19
CA PRO D 165 7.50 30.99 -14.04
C PRO D 165 6.20 30.89 -13.25
N GLU D 166 5.73 29.67 -13.03
CA GLU D 166 4.70 29.46 -12.04
C GLU D 166 5.22 29.84 -10.67
N PRO D 167 4.31 30.12 -9.73
CA PRO D 167 2.86 30.09 -9.89
C PRO D 167 2.26 31.49 -9.92
N VAL D 168 0.97 31.56 -10.21
CA VAL D 168 0.18 32.76 -9.98
C VAL D 168 -0.92 32.41 -8.99
N THR D 169 -1.43 33.41 -8.27
CA THR D 169 -2.61 33.22 -7.42
C THR D 169 -3.72 34.07 -7.96
N VAL D 170 -4.93 33.54 -7.92
CA VAL D 170 -6.09 34.30 -8.33
C VAL D 170 -7.12 34.26 -7.20
N SER D 171 -7.65 35.42 -6.86
CA SER D 171 -8.81 35.49 -5.97
C SER D 171 -9.87 36.34 -6.65
N TRP D 172 -11.09 36.31 -6.11
CA TRP D 172 -12.16 37.14 -6.61
C TRP D 172 -12.71 38.07 -5.52
N ASN D 173 -12.89 39.34 -5.88
CA ASN D 173 -13.40 40.35 -4.97
C ASN D 173 -12.63 40.36 -3.66
N SER D 174 -11.30 40.32 -3.81
CA SER D 174 -10.36 40.31 -2.69
C SER D 174 -10.63 39.15 -1.74
N GLY D 175 -11.08 38.02 -2.28
CA GLY D 175 -11.34 36.85 -1.45
C GLY D 175 -12.71 36.79 -0.82
N ALA D 176 -13.57 37.76 -1.14
CA ALA D 176 -14.94 37.77 -0.63
C ALA D 176 -15.86 36.84 -1.45
N LEU D 177 -15.39 36.45 -2.63
CA LEU D 177 -16.16 35.56 -3.49
C LEU D 177 -15.41 34.24 -3.61
N THR D 178 -16.01 33.17 -3.09
CA THR D 178 -15.40 31.85 -3.04
C THR D 178 -16.29 30.82 -3.71
N SER D 179 -17.59 30.89 -3.42
CA SER D 179 -18.54 29.91 -3.94
C SER D 179 -18.48 29.94 -5.45
N GLY D 180 -18.27 28.78 -6.05
CA GLY D 180 -18.43 28.67 -7.48
C GLY D 180 -17.19 29.02 -8.25
N VAL D 181 -16.10 29.33 -7.55
CA VAL D 181 -14.85 29.67 -8.22
C VAL D 181 -14.07 28.40 -8.58
N HIS D 182 -13.59 28.38 -9.80
CA HIS D 182 -12.65 27.36 -10.25
C HIS D 182 -11.46 28.03 -10.89
N THR D 183 -10.29 27.80 -10.33
CA THR D 183 -9.05 28.25 -10.96
C THR D 183 -8.34 27.02 -11.48
N PHE D 184 -8.11 27.02 -12.78
CA PHE D 184 -7.59 25.84 -13.44
C PHE D 184 -6.08 25.74 -13.40
N PRO D 185 -5.55 24.52 -13.56
CA PRO D 185 -4.10 24.40 -13.73
C PRO D 185 -3.65 25.17 -14.97
N ALA D 186 -2.48 25.78 -14.89
CA ALA D 186 -1.93 26.51 -15.98
C ALA D 186 -1.51 25.53 -17.06
N VAL D 187 -1.47 26.01 -18.29
CA VAL D 187 -0.89 25.23 -19.36
C VAL D 187 0.34 26.00 -19.85
N LEU D 188 1.29 25.26 -20.40
CA LEU D 188 2.52 25.82 -20.91
C LEU D 188 2.38 25.96 -22.41
N GLN D 189 2.51 27.17 -22.90
CA GLN D 189 2.45 27.43 -24.33
C GLN D 189 3.81 27.21 -25.02
N SER D 190 3.80 27.15 -26.36
CA SER D 190 4.99 26.89 -27.15
C SER D 190 6.06 27.98 -27.03
N SER D 191 5.63 29.14 -26.57
CA SER D 191 6.52 30.27 -26.30
C SER D 191 7.31 30.03 -25.02
N GLY D 192 6.83 29.07 -24.25
CA GLY D 192 7.45 28.76 -22.97
C GLY D 192 6.82 29.54 -21.82
N LEU D 193 5.75 30.30 -22.10
CA LEU D 193 5.00 31.02 -21.07
C LEU D 193 3.72 30.28 -20.68
N TYR D 194 3.27 30.51 -19.44
CA TYR D 194 2.05 29.85 -18.94
C TYR D 194 0.80 30.67 -19.17
N SER D 195 -0.34 29.98 -19.20
CA SER D 195 -1.66 30.62 -19.34
C SER D 195 -2.63 29.83 -18.47
N LEU D 196 -3.45 30.52 -17.70
CA LEU D 196 -4.46 29.85 -16.92
C LEU D 196 -5.73 30.68 -16.88
N SER D 197 -6.84 30.01 -16.57
CA SER D 197 -8.10 30.70 -16.45
C SER D 197 -8.68 30.49 -15.06
N SER D 198 -9.41 31.48 -14.58
CA SER D 198 -10.13 31.33 -13.34
C SER D 198 -11.55 31.78 -13.65
N VAL D 199 -12.53 31.01 -13.19
CA VAL D 199 -13.90 31.34 -13.53
C VAL D 199 -14.76 31.31 -12.30
N VAL D 200 -15.91 31.93 -12.39
CA VAL D 200 -16.86 31.85 -11.32
C VAL D 200 -18.25 31.83 -11.92
N THR D 201 -19.16 31.07 -11.29
CA THR D 201 -20.55 31.09 -11.74
C THR D 201 -21.32 31.90 -10.71
N VAL D 202 -22.21 32.74 -11.18
CA VAL D 202 -22.93 33.63 -10.30
C VAL D 202 -24.36 33.75 -10.81
N PRO D 203 -25.26 34.26 -9.97
CA PRO D 203 -26.63 34.44 -10.46
C PRO D 203 -26.66 35.48 -11.59
N SER D 204 -27.37 35.17 -12.68
CA SER D 204 -27.51 36.13 -13.77
C SER D 204 -28.00 37.48 -13.26
N SER D 205 -28.85 37.44 -12.24
CA SER D 205 -29.46 38.65 -11.70
C SER D 205 -28.46 39.56 -10.99
N SER D 206 -27.26 39.08 -10.70
CA SER D 206 -26.28 39.86 -9.95
C SER D 206 -25.46 40.74 -10.88
N LEU D 207 -25.56 40.49 -12.18
CA LEU D 207 -24.78 41.23 -13.16
C LEU D 207 -25.53 42.53 -13.44
N GLY D 208 -25.04 43.63 -12.91
CA GLY D 208 -25.75 44.90 -13.00
C GLY D 208 -25.74 45.58 -11.65
N THR D 209 -25.81 44.78 -10.60
CA THR D 209 -25.72 45.30 -9.24
C THR D 209 -24.34 45.05 -8.65
N GLN D 210 -23.77 43.89 -8.96
CA GLN D 210 -22.59 43.41 -8.27
C GLN D 210 -21.33 43.47 -9.15
N THR D 211 -20.27 44.07 -8.61
CA THR D 211 -18.99 44.12 -9.32
C THR D 211 -18.15 42.87 -9.04
N TYR D 212 -17.59 42.33 -10.10
CA TYR D 212 -16.69 41.20 -10.00
C TYR D 212 -15.31 41.61 -10.48
N ILE D 213 -14.33 41.39 -9.62
CA ILE D 213 -12.95 41.74 -9.94
C ILE D 213 -12.09 40.53 -9.64
N CYS D 214 -11.24 40.14 -10.58
CA CYS D 214 -10.29 39.09 -10.28
C CYS D 214 -8.96 39.73 -9.89
N ASN D 215 -8.36 39.21 -8.82
CA ASN D 215 -7.12 39.74 -8.27
C ASN D 215 -6.04 38.73 -8.54
N VAL D 216 -5.04 39.12 -9.33
CA VAL D 216 -4.03 38.18 -9.78
C VAL D 216 -2.71 38.59 -9.19
N ASN D 217 -1.98 37.64 -8.59
CA ASN D 217 -0.68 37.92 -8.01
C ASN D 217 0.36 36.98 -8.59
N HIS D 218 1.42 37.54 -9.14
CA HIS D 218 2.54 36.77 -9.65
C HIS D 218 3.78 37.26 -8.92
N LYS D 219 4.07 36.60 -7.81
CA LYS D 219 5.10 37.03 -6.90
C LYS D 219 6.50 36.97 -7.54
N PRO D 220 6.73 36.02 -8.45
CA PRO D 220 8.06 35.99 -9.06
C PRO D 220 8.43 37.28 -9.79
N SER D 221 7.44 37.99 -10.32
CA SER D 221 7.73 39.26 -10.98
C SER D 221 7.19 40.44 -10.17
N ASN D 222 6.78 40.16 -8.93
CA ASN D 222 6.13 41.13 -8.07
C ASN D 222 5.13 41.96 -8.85
N THR D 223 4.26 41.28 -9.58
CA THR D 223 3.25 41.94 -10.38
C THR D 223 1.89 41.63 -9.75
N LYS D 224 1.01 42.62 -9.79
CA LYS D 224 -0.25 42.53 -9.09
C LYS D 224 -1.30 43.23 -9.92
N VAL D 225 -2.33 42.49 -10.33
CA VAL D 225 -3.33 43.06 -11.22
C VAL D 225 -4.72 42.82 -10.66
N ASP D 226 -5.53 43.87 -10.58
CA ASP D 226 -6.97 43.69 -10.41
C ASP D 226 -7.66 43.99 -11.73
N LYS D 227 -8.54 43.09 -12.15
CA LYS D 227 -9.23 43.23 -13.41
C LYS D 227 -10.73 43.12 -13.21
N ARG D 228 -11.45 44.21 -13.41
CA ARG D 228 -12.90 44.17 -13.32
C ARG D 228 -13.47 43.52 -14.56
N VAL D 229 -14.37 42.57 -14.34
CA VAL D 229 -14.99 41.80 -15.41
C VAL D 229 -16.45 42.23 -15.55
N GLU D 230 -16.75 42.87 -16.67
CA GLU D 230 -18.08 43.44 -16.89
C GLU D 230 -18.81 42.73 -18.02
N PRO D 231 -20.12 42.58 -17.91
CA PRO D 231 -20.90 42.13 -19.07
C PRO D 231 -20.72 43.14 -20.21
N LYS D 232 -20.70 42.68 -21.46
CA LYS D 232 -20.43 43.58 -22.58
C LYS D 232 -21.50 43.53 -23.67
#